data_6VHQ
#
_entry.id   6VHQ
#
_cell.length_a   69.313
_cell.length_b   78.665
_cell.length_c   78.732
_cell.angle_alpha   90.000
_cell.angle_beta   93.940
_cell.angle_gamma   90.000
#
_symmetry.space_group_name_H-M   'P 1 21 1'
#
loop_
_entity.id
_entity.type
_entity.pdbx_description
1 polymer 'Glycoside hydrolase family 68 protein'
2 branched beta-D-fructofuranose-(2-6)-beta-D-fructofuranose-(2-6)-beta-D-fructofuranose-(2-6)-beta-D-fructofuranose-(2-6)-beta-D-fructofuranose-(2-6)-beta-D-fructofuranose
3 branched beta-D-fructofuranose-(2-6)-beta-D-fructofuranose
4 non-polymer 'CALCIUM ION'
5 non-polymer 'BROMIDE ION'
6 water water
#
_entity_poly.entity_id   1
_entity_poly.type   'polypeptide(L)'
_entity_poly.pdbx_seq_one_letter_code
;KETNQKPYKETYGISHITRHDMLQIPEQQKNEKYQVPEFDSSTIKNISSAKGLDVWASWPLQNADGTVANYHGYHIVFAL
AGDPKNADDTSIYMFYQKVGETSIDSWKNAGRVFKDSDKFDANDSILKDQTQEWSGSATFTSDGKIRLFYTDFSGKHYGK
QTLTTAQVNVSASDSSLNINGVEDYKSIFDGDGKTYQNVQQFIDEGNYSSGDNHTLRDPHYVEDKGHKYLVFEANTGTED
GYQGEESLFNKAYYGKSTSFFRQESQKLLQSDKKRTAELANGALGMIELNDDYTLKKVMKPLIASNTVTDEIARANVFKM
NGKWYLFTDSRGSKMTIDGITSNDIYMLGYVSNSLTGPYKPLNKTGLVLKMDLDPNDVTFTYSHFAVPQAKGNNVVITSY
MTNRGFYADKQSTFAPSFLLNIKGKKTSVVKDSILEQGQLTVNKTDPNSSSVDKLAAALEHHHHHH
;
_entity_poly.pdbx_strand_id   A,B
#
# COMPACT_ATOMS: atom_id res chain seq x y z
N THR A 3 31.88 14.84 26.50
CA THR A 3 32.62 13.78 25.79
C THR A 3 32.90 14.09 24.31
N ASN A 4 33.99 13.60 23.78
CA ASN A 4 34.28 13.89 22.38
C ASN A 4 33.77 12.80 21.43
N GLN A 5 33.04 11.82 21.92
CA GLN A 5 32.41 10.84 21.03
C GLN A 5 31.10 11.45 20.57
N LYS A 6 31.06 11.86 19.33
CA LYS A 6 30.03 12.59 18.61
C LYS A 6 29.25 11.71 17.62
N PRO A 7 27.96 12.02 17.41
CA PRO A 7 27.18 11.32 16.37
C PRO A 7 27.72 11.59 14.98
N TYR A 8 27.31 10.71 14.07
CA TYR A 8 27.73 10.76 12.68
C TYR A 8 26.63 10.05 11.91
N LYS A 9 26.70 10.13 10.59
CA LYS A 9 25.80 9.39 9.73
C LYS A 9 26.67 8.73 8.69
N GLU A 10 26.65 7.38 8.63
CA GLU A 10 27.33 6.65 7.56
C GLU A 10 26.49 5.46 7.15
N THR A 11 26.02 5.47 5.92
CA THR A 11 25.20 4.38 5.45
C THR A 11 26.00 3.21 4.95
N TYR A 12 27.33 3.37 4.75
CA TYR A 12 28.22 2.42 4.06
C TYR A 12 27.74 2.07 2.67
N GLY A 13 26.82 2.84 2.11
CA GLY A 13 26.36 2.50 0.78
C GLY A 13 25.34 1.39 0.72
N ILE A 14 24.72 1.01 1.85
CA ILE A 14 23.79 -0.10 1.90
C ILE A 14 22.49 0.35 2.54
N SER A 15 21.44 -0.45 2.39
CA SER A 15 20.18 -0.06 3.03
C SER A 15 20.21 -0.47 4.50
N HIS A 16 19.24 0.00 5.30
CA HIS A 16 19.24 -0.25 6.74
C HIS A 16 17.83 -0.41 7.29
N ILE A 17 17.69 -1.36 8.20
CA ILE A 17 16.48 -1.58 9.00
C ILE A 17 16.65 -0.75 10.25
N THR A 18 15.83 0.28 10.44
CA THR A 18 16.16 1.35 11.38
C THR A 18 15.32 1.25 12.65
N ARG A 19 15.82 1.86 13.70
CA ARG A 19 15.05 1.86 14.93
C ARG A 19 13.74 2.61 14.73
N HIS A 20 13.75 3.71 13.98
CA HIS A 20 12.52 4.42 13.71
C HIS A 20 11.46 3.51 13.10
N ASP A 21 11.82 2.78 12.03
CA ASP A 21 10.83 1.95 11.36
C ASP A 21 10.35 0.83 12.26
N MET A 22 11.26 0.22 13.01
N MET A 22 11.24 0.23 13.03
CA MET A 22 10.85 -0.90 13.85
CA MET A 22 10.84 -0.90 13.86
C MET A 22 9.92 -0.44 14.98
C MET A 22 9.97 -0.47 15.03
N LEU A 23 10.09 0.79 15.49
CA LEU A 23 9.24 1.25 16.59
C LEU A 23 7.80 1.49 16.16
N GLN A 24 7.54 1.64 14.86
CA GLN A 24 6.18 1.74 14.36
C GLN A 24 5.46 0.38 14.25
N ILE A 25 6.18 -0.73 14.26
CA ILE A 25 5.54 -2.03 14.03
C ILE A 25 4.58 -2.49 15.14
N PRO A 26 4.89 -2.33 16.43
CA PRO A 26 3.95 -2.79 17.47
C PRO A 26 2.53 -2.24 17.30
N GLU A 27 2.38 -1.00 16.86
CA GLU A 27 1.06 -0.48 16.55
C GLU A 27 0.57 -0.99 15.20
N GLN A 28 1.41 -0.92 14.18
CA GLN A 28 0.96 -1.36 12.87
C GLN A 28 0.57 -2.84 12.86
N GLN A 29 1.20 -3.66 13.69
CA GLN A 29 0.94 -5.10 13.55
C GLN A 29 -0.43 -5.50 14.06
N LYS A 30 -1.20 -4.57 14.63
CA LYS A 30 -2.57 -4.88 15.00
C LYS A 30 -3.48 -5.04 13.78
N ASN A 31 -3.15 -4.45 12.65
CA ASN A 31 -3.95 -4.60 11.44
C ASN A 31 -3.85 -6.03 10.89
N GLU A 32 -5.01 -6.66 10.69
CA GLU A 32 -5.10 -8.00 10.13
C GLU A 32 -4.41 -8.14 8.78
N LYS A 33 -4.18 -7.04 8.08
CA LYS A 33 -3.46 -7.06 6.79
C LYS A 33 -2.05 -7.69 6.91
N TYR A 34 -1.45 -7.66 8.07
CA TYR A 34 -0.06 -8.11 8.23
C TYR A 34 0.06 -9.32 9.14
N GLN A 35 -1.02 -10.04 9.39
CA GLN A 35 -1.04 -11.11 10.38
C GLN A 35 -1.14 -12.46 9.69
N VAL A 36 -0.24 -13.36 10.03
CA VAL A 36 -0.42 -14.75 9.63
C VAL A 36 -1.83 -15.19 10.01
N PRO A 37 -2.56 -15.87 9.14
CA PRO A 37 -3.95 -16.26 9.48
C PRO A 37 -4.05 -17.27 10.61
N GLU A 38 -5.22 -17.26 11.26
CA GLU A 38 -5.50 -18.29 12.25
C GLU A 38 -5.65 -19.64 11.52
N PHE A 39 -5.00 -20.67 12.04
CA PHE A 39 -5.04 -21.99 11.45
C PHE A 39 -5.91 -22.88 12.32
N ASP A 40 -6.64 -23.81 11.71
CA ASP A 40 -7.49 -24.72 12.50
C ASP A 40 -6.69 -25.96 12.85
N SER A 41 -6.35 -26.11 14.12
CA SER A 41 -5.51 -27.24 14.47
C SER A 41 -6.17 -28.59 14.18
N SER A 42 -7.50 -28.64 13.99
N SER A 42 -7.49 -28.64 14.02
CA SER A 42 -8.14 -29.93 13.84
CA SER A 42 -8.12 -29.95 13.86
C SER A 42 -7.77 -30.55 12.51
C SER A 42 -7.87 -30.53 12.48
N THR A 43 -7.36 -29.74 11.55
CA THR A 43 -7.03 -30.22 10.23
C THR A 43 -5.55 -30.61 10.08
N ILE A 44 -4.70 -30.38 11.08
CA ILE A 44 -3.25 -30.45 10.88
C ILE A 44 -2.72 -31.88 11.06
N LYS A 45 -1.90 -32.35 10.13
CA LYS A 45 -1.28 -33.67 10.20
C LYS A 45 0.24 -33.59 10.17
N ASN A 46 0.86 -34.66 10.71
CA ASN A 46 2.29 -34.90 10.47
C ASN A 46 2.53 -35.26 9.01
N ILE A 47 3.73 -34.95 8.51
CA ILE A 47 4.17 -35.49 7.22
C ILE A 47 4.32 -37.01 7.37
N SER A 48 3.39 -37.76 6.77
CA SER A 48 3.29 -39.19 7.05
C SER A 48 4.52 -39.94 6.54
N SER A 49 5.12 -39.47 5.46
CA SER A 49 6.32 -40.10 4.92
C SER A 49 7.55 -39.74 5.72
N ALA A 50 7.43 -38.90 6.73
CA ALA A 50 8.60 -38.59 7.54
C ALA A 50 8.40 -39.09 8.96
N LYS A 51 7.86 -40.30 9.12
CA LYS A 51 7.27 -40.69 10.39
C LYS A 51 8.25 -40.56 11.55
N GLY A 52 7.82 -39.80 12.56
CA GLY A 52 8.56 -39.66 13.77
C GLY A 52 9.54 -38.52 13.77
N LEU A 53 9.87 -37.97 12.62
CA LEU A 53 10.83 -36.86 12.54
C LEU A 53 10.10 -35.54 12.66
N ASP A 54 10.70 -34.59 13.39
CA ASP A 54 10.31 -33.20 13.19
C ASP A 54 10.77 -32.80 11.80
N VAL A 55 9.97 -32.02 11.10
CA VAL A 55 10.35 -31.47 9.78
C VAL A 55 10.08 -29.98 9.85
N TRP A 56 11.13 -29.15 9.74
CA TRP A 56 10.91 -27.73 10.01
C TRP A 56 11.34 -26.93 8.77
N ALA A 57 12.37 -26.09 8.87
CA ALA A 57 12.67 -25.12 7.81
C ALA A 57 12.84 -25.78 6.45
N SER A 58 12.08 -25.31 5.46
CA SER A 58 12.04 -26.04 4.19
C SER A 58 12.05 -25.07 3.02
N TRP A 59 12.43 -25.58 1.85
CA TRP A 59 12.52 -24.70 0.71
C TRP A 59 12.26 -25.53 -0.54
N PRO A 60 11.56 -24.95 -1.52
CA PRO A 60 11.29 -25.68 -2.77
C PRO A 60 12.45 -25.62 -3.72
N LEU A 61 12.53 -26.61 -4.58
CA LEU A 61 13.41 -26.49 -5.72
C LEU A 61 12.83 -25.44 -6.64
N GLN A 62 13.63 -24.42 -6.97
CA GLN A 62 13.14 -23.30 -7.78
C GLN A 62 13.81 -23.25 -9.14
N ASN A 63 13.06 -22.75 -10.14
CA ASN A 63 13.69 -22.26 -11.37
C ASN A 63 14.48 -21.01 -11.05
N ALA A 64 15.33 -20.60 -11.98
CA ALA A 64 16.18 -19.43 -11.73
C ALA A 64 15.38 -18.20 -11.35
N ASP A 65 14.16 -18.07 -11.84
CA ASP A 65 13.40 -16.86 -11.51
C ASP A 65 12.68 -16.97 -10.19
N GLY A 66 12.82 -18.05 -9.45
CA GLY A 66 12.19 -18.16 -8.17
C GLY A 66 10.92 -18.96 -8.21
N THR A 67 10.30 -19.09 -9.37
CA THR A 67 9.12 -19.92 -9.42
C THR A 67 9.49 -21.37 -9.15
N VAL A 68 8.46 -22.15 -8.80
CA VAL A 68 8.66 -23.52 -8.38
C VAL A 68 9.01 -24.38 -9.57
N ALA A 69 9.93 -25.30 -9.38
CA ALA A 69 10.41 -26.15 -10.46
C ALA A 69 9.50 -27.35 -10.67
N ASN A 70 9.39 -27.75 -11.92
CA ASN A 70 8.74 -29.00 -12.29
C ASN A 70 9.86 -29.96 -12.63
N TYR A 71 10.17 -30.89 -11.72
CA TYR A 71 11.23 -31.87 -11.93
C TYR A 71 10.61 -33.16 -12.45
N HIS A 72 10.47 -33.25 -13.78
N HIS A 72 10.47 -33.24 -13.78
CA HIS A 72 9.97 -34.47 -14.44
CA HIS A 72 9.97 -34.44 -14.45
C HIS A 72 8.60 -34.86 -13.90
C HIS A 72 8.60 -34.85 -13.90
N GLY A 73 7.72 -33.88 -13.73
CA GLY A 73 6.41 -34.15 -13.18
C GLY A 73 6.31 -34.08 -11.67
N TYR A 74 7.38 -33.69 -10.96
CA TYR A 74 7.34 -33.61 -9.51
C TYR A 74 7.68 -32.21 -9.01
N HIS A 75 7.08 -31.82 -7.87
CA HIS A 75 7.64 -30.70 -7.13
C HIS A 75 8.56 -31.30 -6.08
N ILE A 76 9.63 -30.57 -5.75
CA ILE A 76 10.64 -31.04 -4.82
C ILE A 76 10.80 -29.98 -3.75
N VAL A 77 10.80 -30.43 -2.49
CA VAL A 77 11.04 -29.59 -1.32
C VAL A 77 12.13 -30.24 -0.48
N PHE A 78 13.15 -29.45 -0.13
CA PHE A 78 14.17 -29.85 0.83
C PHE A 78 13.78 -29.34 2.19
N ALA A 79 13.95 -30.18 3.23
CA ALA A 79 13.65 -29.70 4.58
C ALA A 79 14.67 -30.19 5.58
N LEU A 80 14.83 -29.43 6.63
CA LEU A 80 15.58 -29.94 7.76
C LEU A 80 14.71 -30.88 8.59
N ALA A 81 15.28 -31.99 9.06
CA ALA A 81 14.49 -32.90 9.87
C ALA A 81 15.42 -33.69 10.79
N GLY A 82 14.81 -34.22 11.83
CA GLY A 82 15.56 -35.13 12.69
C GLY A 82 14.78 -35.47 13.94
N ASP A 83 15.45 -36.22 14.76
CA ASP A 83 14.86 -36.76 15.97
C ASP A 83 14.35 -35.68 16.91
N PRO A 84 13.05 -35.68 17.26
CA PRO A 84 12.54 -34.66 18.18
C PRO A 84 13.24 -34.62 19.52
N LYS A 85 13.87 -35.70 19.95
CA LYS A 85 14.50 -35.69 21.26
C LYS A 85 15.93 -35.18 21.22
N ASN A 86 16.49 -34.90 20.05
CA ASN A 86 17.88 -34.43 19.97
C ASN A 86 17.95 -33.23 19.02
N ALA A 87 18.05 -32.03 19.61
CA ALA A 87 18.10 -30.82 18.79
C ALA A 87 19.29 -30.76 17.84
N ASP A 88 20.35 -31.50 18.11
CA ASP A 88 21.54 -31.46 17.28
C ASP A 88 21.48 -32.48 16.15
N ASP A 89 20.39 -33.24 16.05
CA ASP A 89 20.13 -34.09 14.89
C ASP A 89 19.37 -33.25 13.86
N THR A 90 20.12 -32.70 12.92
CA THR A 90 19.58 -31.81 11.90
C THR A 90 20.25 -32.16 10.57
N SER A 91 19.48 -32.73 9.64
CA SER A 91 19.93 -33.17 8.31
C SER A 91 18.87 -32.78 7.28
N ILE A 92 19.30 -32.58 6.06
CA ILE A 92 18.42 -32.17 4.98
C ILE A 92 17.80 -33.40 4.32
N TYR A 93 16.49 -33.41 4.19
CA TYR A 93 15.77 -34.49 3.54
C TYR A 93 15.09 -33.93 2.30
N MET A 94 14.87 -34.79 1.31
CA MET A 94 14.21 -34.35 0.09
C MET A 94 12.86 -35.05 -0.03
N PHE A 95 11.82 -34.25 -0.04
CA PHE A 95 10.46 -34.72 -0.22
C PHE A 95 9.98 -34.34 -1.62
N TYR A 96 9.00 -35.07 -2.14
CA TYR A 96 8.49 -34.74 -3.48
C TYR A 96 7.00 -35.12 -3.61
N GLN A 97 6.33 -34.49 -4.57
CA GLN A 97 4.92 -34.78 -4.86
C GLN A 97 4.70 -34.57 -6.35
N LYS A 98 3.87 -35.42 -6.94
CA LYS A 98 3.49 -35.20 -8.32
C LYS A 98 2.86 -33.82 -8.48
N VAL A 99 3.19 -33.15 -9.56
CA VAL A 99 2.62 -31.83 -9.79
C VAL A 99 1.11 -31.96 -9.93
N GLY A 100 0.38 -31.12 -9.23
CA GLY A 100 -1.06 -31.21 -9.21
C GLY A 100 -1.61 -31.81 -7.95
N GLU A 101 -0.85 -32.72 -7.30
CA GLU A 101 -1.28 -33.18 -5.99
C GLU A 101 -1.06 -32.07 -4.98
N THR A 102 -1.92 -32.00 -3.97
CA THR A 102 -1.75 -30.99 -2.94
C THR A 102 -1.95 -31.52 -1.52
N SER A 103 -2.34 -32.77 -1.35
CA SER A 103 -2.56 -33.23 0.01
C SER A 103 -1.23 -33.33 0.76
N ILE A 104 -1.29 -33.12 2.09
CA ILE A 104 -0.12 -33.40 2.92
C ILE A 104 0.36 -34.83 2.69
N ASP A 105 -0.55 -35.76 2.53
CA ASP A 105 -0.13 -37.14 2.38
C ASP A 105 0.33 -37.48 0.97
N SER A 106 0.38 -36.53 0.03
CA SER A 106 1.02 -36.72 -1.27
C SER A 106 2.54 -36.45 -1.24
N TRP A 107 3.08 -35.93 -0.13
CA TRP A 107 4.52 -35.66 -0.02
C TRP A 107 5.24 -36.96 0.32
N LYS A 108 6.03 -37.44 -0.62
CA LYS A 108 6.81 -38.64 -0.40
C LYS A 108 8.18 -38.22 0.07
N ASN A 109 8.96 -39.19 0.56
CA ASN A 109 10.24 -38.86 1.20
C ASN A 109 11.36 -39.64 0.53
N ALA A 110 12.21 -38.95 -0.21
CA ALA A 110 13.33 -39.69 -0.80
C ALA A 110 14.48 -39.88 0.18
N GLY A 111 14.31 -39.50 1.45
CA GLY A 111 15.40 -39.66 2.41
C GLY A 111 16.37 -38.47 2.46
N ARG A 112 17.47 -38.69 3.18
CA ARG A 112 18.49 -37.67 3.32
C ARG A 112 19.22 -37.47 2.00
N VAL A 113 19.54 -36.21 1.72
CA VAL A 113 20.40 -35.88 0.59
C VAL A 113 21.76 -36.50 0.76
N PHE A 114 22.35 -36.39 1.95
CA PHE A 114 23.75 -36.75 2.14
C PHE A 114 23.89 -38.04 2.95
N LYS A 115 24.73 -38.95 2.48
CA LYS A 115 25.14 -40.00 3.40
C LYS A 115 26.25 -39.49 4.30
N ASP A 116 26.47 -40.22 5.41
CA ASP A 116 27.42 -39.76 6.43
C ASP A 116 28.79 -39.51 5.83
N SER A 117 29.19 -40.32 4.85
CA SER A 117 30.54 -40.19 4.30
C SER A 117 30.70 -39.10 3.25
N ASP A 118 29.60 -38.60 2.68
CA ASP A 118 29.71 -37.55 1.65
C ASP A 118 30.59 -36.38 2.09
N LYS A 119 30.41 -35.89 3.31
CA LYS A 119 31.17 -34.70 3.70
C LYS A 119 32.63 -35.02 3.84
N PHE A 120 32.98 -36.30 4.05
CA PHE A 120 34.38 -36.71 4.12
C PHE A 120 34.94 -37.03 2.75
N ASP A 121 34.12 -37.60 1.91
CA ASP A 121 34.58 -37.87 0.55
C ASP A 121 34.77 -36.62 -0.27
N ALA A 122 34.35 -35.46 0.20
CA ALA A 122 34.40 -34.28 -0.66
C ALA A 122 35.80 -33.69 -0.76
N ASN A 123 36.71 -34.09 0.11
CA ASN A 123 38.06 -33.53 0.20
C ASN A 123 37.99 -32.01 0.14
N ASP A 124 37.35 -31.50 1.16
CA ASP A 124 37.09 -30.10 1.40
C ASP A 124 37.32 -30.02 2.90
N SER A 125 38.24 -29.18 3.33
CA SER A 125 38.65 -29.30 4.71
C SER A 125 37.60 -28.77 5.69
N ILE A 126 36.71 -27.88 5.24
CA ILE A 126 35.73 -27.34 6.16
C ILE A 126 34.60 -28.35 6.36
N LEU A 127 34.19 -29.01 5.29
CA LEU A 127 33.12 -30.03 5.40
C LEU A 127 33.51 -31.14 6.35
N LYS A 128 34.81 -31.41 6.53
CA LYS A 128 35.16 -32.51 7.43
C LYS A 128 34.66 -32.25 8.83
N ASP A 129 34.42 -31.00 9.20
CA ASP A 129 34.01 -30.63 10.54
C ASP A 129 32.52 -30.37 10.68
N GLN A 130 31.75 -30.60 9.62
CA GLN A 130 30.31 -30.34 9.71
C GLN A 130 29.65 -31.23 10.75
N THR A 131 28.77 -30.66 11.61
CA THR A 131 27.97 -31.47 12.54
C THR A 131 26.46 -31.39 12.32
N GLN A 132 25.95 -30.37 11.63
CA GLN A 132 24.53 -30.24 11.27
C GLN A 132 24.43 -29.63 9.89
N GLU A 133 23.32 -29.89 9.21
CA GLU A 133 23.04 -29.30 7.91
C GLU A 133 21.93 -28.30 8.11
N TRP A 134 22.22 -27.00 7.90
CA TRP A 134 21.22 -25.97 8.11
C TRP A 134 20.71 -25.43 6.76
N SER A 135 19.81 -24.45 6.81
N SER A 135 19.81 -24.46 6.82
CA SER A 135 18.90 -24.25 5.69
CA SER A 135 18.88 -24.19 5.73
C SER A 135 19.60 -23.61 4.50
C SER A 135 19.57 -23.54 4.52
N GLY A 136 18.88 -23.60 3.38
CA GLY A 136 19.40 -22.99 2.17
C GLY A 136 18.39 -22.74 1.06
N SER A 137 18.77 -23.13 -0.15
CA SER A 137 17.94 -22.99 -1.35
C SER A 137 18.35 -24.11 -2.32
N ALA A 138 17.60 -24.26 -3.42
CA ALA A 138 17.95 -25.24 -4.45
C ALA A 138 17.48 -24.75 -5.80
N THR A 139 18.36 -24.77 -6.80
CA THR A 139 17.94 -24.29 -8.12
C THR A 139 17.97 -25.43 -9.14
N PHE A 140 17.11 -25.32 -10.15
CA PHE A 140 17.00 -26.33 -11.22
C PHE A 140 17.68 -25.73 -12.43
N THR A 141 18.86 -26.26 -12.81
CA THR A 141 19.76 -25.57 -13.72
C THR A 141 19.31 -25.71 -15.17
N SER A 142 19.95 -24.90 -16.03
CA SER A 142 19.65 -24.94 -17.46
C SER A 142 19.83 -26.34 -18.04
N ASP A 143 20.86 -27.06 -17.62
CA ASP A 143 21.04 -28.41 -18.10
C ASP A 143 20.36 -29.45 -17.22
N GLY A 144 19.26 -29.11 -16.54
CA GLY A 144 18.47 -30.10 -15.84
C GLY A 144 19.03 -30.64 -14.53
N LYS A 145 20.00 -29.97 -13.93
CA LYS A 145 20.58 -30.51 -12.71
C LYS A 145 19.91 -29.89 -11.48
N ILE A 146 19.89 -30.63 -10.39
CA ILE A 146 19.43 -30.12 -9.09
C ILE A 146 20.65 -29.61 -8.33
N ARG A 147 20.71 -28.32 -8.12
CA ARG A 147 21.87 -27.67 -7.49
C ARG A 147 21.41 -27.12 -6.14
N LEU A 148 21.95 -27.70 -5.07
CA LEU A 148 21.60 -27.37 -3.69
C LEU A 148 22.61 -26.39 -3.10
N PHE A 149 22.12 -25.38 -2.38
CA PHE A 149 22.95 -24.61 -1.45
C PHE A 149 22.41 -24.78 -0.02
N TYR A 150 23.32 -24.85 0.95
CA TYR A 150 22.84 -25.03 2.31
C TYR A 150 23.98 -24.57 3.21
N THR A 151 23.73 -24.66 4.52
CA THR A 151 24.62 -24.13 5.54
C THR A 151 25.32 -25.31 6.23
N ASP A 152 26.61 -25.37 6.10
CA ASP A 152 27.39 -26.35 6.86
C ASP A 152 27.60 -25.74 8.24
N PHE A 153 27.01 -26.36 9.24
CA PHE A 153 27.21 -25.93 10.61
C PHE A 153 28.17 -26.85 11.35
N SER A 154 29.07 -26.26 12.11
CA SER A 154 30.05 -27.05 12.85
C SER A 154 29.98 -26.78 14.35
N GLY A 155 29.30 -27.67 15.06
CA GLY A 155 29.39 -27.65 16.50
C GLY A 155 30.82 -27.80 17.00
N LYS A 156 31.73 -28.28 16.15
CA LYS A 156 33.11 -28.44 16.60
C LYS A 156 33.89 -27.15 16.58
N HIS A 157 33.47 -26.17 15.79
CA HIS A 157 34.26 -24.96 15.67
C HIS A 157 33.41 -23.80 16.10
N TYR A 158 32.83 -23.89 17.31
CA TYR A 158 32.08 -22.80 17.93
C TYR A 158 30.95 -22.34 17.06
N GLY A 159 30.31 -23.24 16.32
CA GLY A 159 29.13 -22.80 15.58
C GLY A 159 29.52 -22.18 14.24
N LYS A 160 30.64 -22.59 13.66
CA LYS A 160 30.97 -22.10 12.34
C LYS A 160 29.89 -22.48 11.35
N GLN A 161 29.57 -21.54 10.46
CA GLN A 161 28.60 -21.68 9.40
C GLN A 161 29.23 -21.32 8.05
N THR A 162 29.16 -22.25 7.11
CA THR A 162 29.79 -22.10 5.82
C THR A 162 28.78 -22.34 4.72
N LEU A 163 28.66 -21.36 3.83
CA LEU A 163 27.74 -21.56 2.72
C LEU A 163 28.34 -22.64 1.81
N THR A 164 27.50 -23.62 1.44
CA THR A 164 27.99 -24.87 0.84
C THR A 164 27.09 -25.22 -0.33
N THR A 165 27.64 -25.93 -1.30
CA THR A 165 26.85 -26.34 -2.46
C THR A 165 27.11 -27.81 -2.74
N ALA A 166 26.14 -28.45 -3.39
CA ALA A 166 26.33 -29.76 -3.98
C ALA A 166 25.33 -29.90 -5.12
N GLN A 167 25.68 -30.74 -6.10
CA GLN A 167 24.72 -31.21 -7.08
C GLN A 167 24.09 -32.50 -6.56
N VAL A 168 22.76 -32.58 -6.54
CA VAL A 168 22.07 -33.77 -6.07
C VAL A 168 21.65 -34.58 -7.31
N ASN A 169 22.17 -35.80 -7.45
CA ASN A 169 21.82 -36.66 -8.58
C ASN A 169 20.63 -37.55 -8.20
N VAL A 170 19.51 -37.33 -8.89
CA VAL A 170 18.22 -37.94 -8.60
C VAL A 170 17.75 -38.72 -9.83
N SER A 171 17.33 -39.97 -9.63
CA SER A 171 16.72 -40.78 -10.67
C SER A 171 15.21 -40.79 -10.53
N ALA A 172 14.50 -40.73 -11.66
CA ALA A 172 13.05 -40.82 -11.69
C ALA A 172 12.60 -42.27 -11.92
N SER A 173 11.30 -42.51 -11.73
CA SER A 173 10.80 -43.89 -11.81
C SER A 173 9.29 -43.99 -11.99
N ASP A 174 8.61 -42.99 -12.58
CA ASP A 174 7.15 -43.02 -12.80
C ASP A 174 6.44 -42.95 -11.45
N SER A 175 6.93 -43.78 -10.54
CA SER A 175 6.39 -43.94 -9.21
C SER A 175 7.06 -42.97 -8.25
N SER A 176 8.38 -43.09 -8.12
CA SER A 176 9.15 -42.50 -7.04
C SER A 176 10.37 -41.81 -7.61
N LEU A 177 10.96 -40.91 -6.84
CA LEU A 177 12.25 -40.32 -7.13
C LEU A 177 13.31 -40.97 -6.24
N ASN A 178 14.51 -41.10 -6.77
CA ASN A 178 15.58 -41.70 -5.99
C ASN A 178 16.81 -40.83 -6.02
N ILE A 179 17.43 -40.68 -4.85
CA ILE A 179 18.68 -39.96 -4.71
C ILE A 179 19.80 -40.98 -4.91
N ASN A 180 20.57 -40.84 -5.98
CA ASN A 180 21.68 -41.78 -6.20
C ASN A 180 22.98 -41.30 -5.59
N GLY A 181 23.15 -40.00 -5.37
CA GLY A 181 24.37 -39.48 -4.77
C GLY A 181 24.47 -38.00 -5.03
N VAL A 182 25.61 -37.45 -4.68
CA VAL A 182 25.82 -36.01 -4.84
C VAL A 182 27.16 -35.87 -5.52
N GLU A 183 27.42 -34.70 -6.06
CA GLU A 183 28.76 -34.43 -6.57
C GLU A 183 28.99 -32.93 -6.48
N ASP A 184 30.20 -32.53 -6.85
CA ASP A 184 30.63 -31.13 -6.82
C ASP A 184 30.26 -30.51 -5.48
N TYR A 185 30.66 -31.18 -4.42
CA TYR A 185 30.25 -30.87 -3.06
C TYR A 185 31.37 -30.07 -2.41
N LYS A 186 31.14 -28.79 -2.09
CA LYS A 186 32.26 -27.94 -1.73
C LYS A 186 31.79 -26.74 -0.91
N SER A 187 32.69 -26.25 -0.03
CA SER A 187 32.49 -24.98 0.66
C SER A 187 32.60 -23.84 -0.34
N ILE A 188 31.76 -22.80 -0.17
CA ILE A 188 31.84 -21.60 -1.00
C ILE A 188 32.33 -20.38 -0.21
N PHE A 189 31.81 -20.15 1.01
CA PHE A 189 32.10 -18.88 1.65
C PHE A 189 31.92 -19.06 3.15
N ASP A 190 32.93 -18.67 3.92
CA ASP A 190 32.82 -18.70 5.37
C ASP A 190 33.03 -17.29 6.02
N GLY A 191 32.85 -16.22 5.25
CA GLY A 191 32.98 -14.88 5.76
C GLY A 191 34.38 -14.28 5.66
N ASP A 192 34.52 -13.01 5.24
CA ASP A 192 35.88 -12.47 4.99
C ASP A 192 36.38 -11.58 6.11
N GLY A 193 35.55 -11.26 7.09
CA GLY A 193 35.97 -10.50 8.25
C GLY A 193 35.71 -8.99 8.11
N LYS A 194 35.82 -8.47 6.87
CA LYS A 194 35.64 -7.06 6.55
C LYS A 194 34.25 -6.69 6.10
N THR A 195 33.64 -7.53 5.25
CA THR A 195 32.27 -7.31 4.79
C THR A 195 31.25 -8.14 5.56
N TYR A 196 31.67 -9.36 5.96
CA TYR A 196 30.83 -10.34 6.66
C TYR A 196 31.64 -10.92 7.81
N GLN A 197 31.08 -10.94 9.00
CA GLN A 197 31.79 -11.52 10.13
C GLN A 197 32.17 -12.96 9.81
N ASN A 198 33.35 -13.36 10.24
CA ASN A 198 33.90 -14.71 10.16
C ASN A 198 33.81 -15.31 11.57
N VAL A 199 33.80 -16.67 11.65
CA VAL A 199 33.68 -17.33 12.96
C VAL A 199 34.89 -17.06 13.83
N GLN A 200 36.08 -16.81 13.27
CA GLN A 200 37.23 -16.51 14.13
C GLN A 200 37.05 -15.24 14.96
N GLN A 201 36.30 -14.26 14.44
CA GLN A 201 35.98 -13.08 15.25
C GLN A 201 35.03 -13.43 16.39
N PHE A 202 34.05 -14.31 16.11
CA PHE A 202 33.18 -14.84 17.16
C PHE A 202 33.98 -15.55 18.23
N ILE A 203 34.87 -16.47 17.81
CA ILE A 203 35.63 -17.30 18.73
C ILE A 203 36.48 -16.43 19.63
N ASP A 204 37.21 -15.48 19.03
CA ASP A 204 38.22 -14.80 19.83
C ASP A 204 37.67 -13.70 20.71
N GLU A 205 36.49 -13.17 20.41
CA GLU A 205 35.87 -12.20 21.32
C GLU A 205 35.24 -12.89 22.53
N GLY A 206 35.26 -14.21 22.59
CA GLY A 206 34.69 -14.91 23.73
C GLY A 206 33.50 -15.78 23.40
N ASN A 207 33.13 -15.87 22.13
CA ASN A 207 32.09 -16.76 21.59
C ASN A 207 30.88 -16.74 22.49
N TYR A 208 30.51 -17.92 23.03
CA TYR A 208 29.18 -18.03 23.64
C TYR A 208 29.07 -17.15 24.89
N SER A 209 30.14 -16.97 25.64
CA SER A 209 29.95 -16.13 26.80
C SER A 209 29.94 -14.63 26.46
N SER A 210 30.07 -14.22 25.19
CA SER A 210 30.10 -12.79 24.90
C SER A 210 28.72 -12.22 24.65
N GLY A 211 27.72 -13.06 24.40
CA GLY A 211 26.41 -12.61 24.01
C GLY A 211 26.28 -12.30 22.53
N ASP A 212 27.37 -12.38 21.77
CA ASP A 212 27.31 -12.18 20.34
C ASP A 212 26.61 -13.38 19.67
N ASN A 213 25.98 -13.16 18.53
CA ASN A 213 25.28 -14.22 17.80
C ASN A 213 25.85 -14.22 16.37
N HIS A 214 26.80 -15.12 16.09
CA HIS A 214 27.43 -15.17 14.78
C HIS A 214 26.60 -16.05 13.84
N THR A 215 26.37 -15.54 12.62
CA THR A 215 25.51 -16.24 11.65
C THR A 215 26.12 -16.14 10.26
N LEU A 216 25.94 -17.18 9.46
CA LEU A 216 26.38 -17.10 8.08
C LEU A 216 25.72 -18.25 7.36
N ARG A 217 24.46 -18.06 6.94
CA ARG A 217 23.64 -19.21 6.66
C ARG A 217 22.49 -18.83 5.74
N ASP A 218 21.62 -19.81 5.53
CA ASP A 218 20.41 -19.64 4.73
C ASP A 218 20.69 -19.08 3.34
N PRO A 219 21.62 -19.66 2.59
CA PRO A 219 21.95 -19.08 1.25
C PRO A 219 20.82 -19.27 0.24
N HIS A 220 20.42 -18.15 -0.38
CA HIS A 220 19.34 -18.17 -1.36
C HIS A 220 19.88 -17.85 -2.76
N TYR A 221 19.78 -18.82 -3.68
CA TYR A 221 20.23 -18.62 -5.05
C TYR A 221 19.31 -17.69 -5.86
N VAL A 222 19.90 -16.74 -6.57
CA VAL A 222 19.13 -15.85 -7.43
C VAL A 222 19.99 -15.46 -8.64
N GLU A 223 19.32 -15.22 -9.76
CA GLU A 223 19.96 -14.83 -11.00
C GLU A 223 19.46 -13.47 -11.47
N ASP A 224 20.38 -12.69 -12.04
CA ASP A 224 20.03 -11.46 -12.74
C ASP A 224 20.94 -11.39 -13.95
N LYS A 225 20.33 -11.47 -15.15
CA LYS A 225 21.04 -11.27 -16.42
C LYS A 225 22.19 -12.25 -16.57
N GLY A 226 21.89 -13.52 -16.35
CA GLY A 226 22.90 -14.56 -16.41
C GLY A 226 23.89 -14.59 -15.27
N HIS A 227 23.94 -13.56 -14.44
CA HIS A 227 24.79 -13.57 -13.26
C HIS A 227 24.17 -14.39 -12.13
N LYS A 228 25.02 -15.12 -11.42
CA LYS A 228 24.59 -16.07 -10.40
C LYS A 228 24.98 -15.50 -9.05
N TYR A 229 24.04 -15.47 -8.10
CA TYR A 229 24.30 -14.88 -6.78
C TYR A 229 23.75 -15.75 -5.68
N LEU A 230 24.34 -15.59 -4.49
CA LEU A 230 23.73 -16.05 -3.25
C LEU A 230 23.47 -14.83 -2.38
N VAL A 231 22.24 -14.74 -1.87
CA VAL A 231 21.86 -13.79 -0.84
C VAL A 231 21.63 -14.61 0.43
N PHE A 232 22.11 -14.14 1.57
CA PHE A 232 22.18 -15.02 2.74
C PHE A 232 22.13 -14.22 4.04
N GLU A 233 21.77 -14.89 5.16
CA GLU A 233 21.85 -14.28 6.48
C GLU A 233 23.31 -14.19 6.93
N ALA A 234 23.72 -13.01 7.39
CA ALA A 234 25.06 -12.87 7.88
C ALA A 234 25.09 -11.79 8.96
N ASN A 235 26.30 -11.37 9.33
CA ASN A 235 26.54 -10.20 10.17
C ASN A 235 27.59 -9.30 9.50
N THR A 236 27.55 -8.00 9.77
CA THR A 236 28.51 -7.12 9.11
C THR A 236 29.94 -7.42 9.59
N GLY A 237 30.94 -6.98 8.83
CA GLY A 237 32.31 -7.05 9.24
C GLY A 237 32.87 -5.69 9.65
N THR A 238 34.20 -5.59 9.65
CA THR A 238 34.85 -4.42 10.21
C THR A 238 34.67 -3.18 9.34
N GLU A 239 34.35 -3.35 8.07
CA GLU A 239 34.35 -2.20 7.17
C GLU A 239 32.99 -1.78 6.66
N ASP A 240 31.90 -2.39 7.12
CA ASP A 240 30.60 -1.96 6.61
C ASP A 240 29.64 -1.75 7.77
N GLY A 241 30.18 -1.22 8.87
CA GLY A 241 29.40 -0.91 10.05
C GLY A 241 29.40 -2.09 11.00
N TYR A 242 30.51 -2.28 11.69
CA TYR A 242 30.68 -3.36 12.63
C TYR A 242 29.91 -3.11 13.92
N GLN A 243 29.57 -4.21 14.62
CA GLN A 243 29.03 -4.14 15.98
C GLN A 243 29.99 -3.35 16.87
N GLY A 244 29.51 -2.88 18.02
CA GLY A 244 30.38 -2.29 19.03
C GLY A 244 29.74 -1.01 19.59
N GLU A 245 30.35 -0.44 20.63
CA GLU A 245 29.76 0.76 21.25
C GLU A 245 29.68 1.90 20.26
N GLU A 246 30.67 2.00 19.37
CA GLU A 246 30.69 3.08 18.41
C GLU A 246 29.45 3.05 17.51
N SER A 247 28.88 1.85 17.27
CA SER A 247 27.80 1.78 16.29
C SER A 247 26.56 2.49 16.80
N LEU A 248 26.46 2.65 18.14
CA LEU A 248 25.33 3.37 18.69
C LEU A 248 25.29 4.83 18.27
N PHE A 249 26.37 5.37 17.70
CA PHE A 249 26.39 6.79 17.38
C PHE A 249 26.14 7.05 15.92
N ASN A 250 25.74 6.03 15.16
CA ASN A 250 25.47 6.20 13.73
C ASN A 250 23.98 6.45 13.50
N LYS A 251 23.63 7.70 13.15
CA LYS A 251 22.22 8.03 12.93
C LYS A 251 21.58 7.18 11.84
N ALA A 252 22.36 6.67 10.85
CA ALA A 252 21.75 5.89 9.78
C ALA A 252 21.02 4.64 10.31
N TYR A 253 21.32 4.22 11.54
CA TYR A 253 20.69 3.08 12.20
C TYR A 253 19.42 3.46 12.90
N TYR A 254 19.20 4.76 13.14
CA TYR A 254 18.01 5.27 13.82
C TYR A 254 16.94 5.76 12.85
N GLY A 255 17.27 6.51 11.84
CA GLY A 255 16.21 6.99 10.98
C GLY A 255 16.44 8.44 10.61
N LYS A 256 15.42 9.04 10.00
CA LYS A 256 15.68 10.26 9.22
C LYS A 256 15.93 11.48 10.12
N SER A 257 15.34 11.52 11.31
CA SER A 257 15.28 12.73 12.11
C SER A 257 16.39 12.78 13.15
N THR A 258 17.07 13.94 13.24
CA THR A 258 18.08 14.12 14.28
C THR A 258 17.45 14.20 15.66
N SER A 259 16.22 14.69 15.74
CA SER A 259 15.49 14.72 17.01
C SER A 259 15.12 13.30 17.48
N PHE A 260 14.66 12.45 16.58
CA PHE A 260 14.48 11.06 16.96
C PHE A 260 15.81 10.44 17.39
N PHE A 261 16.87 10.71 16.65
CA PHE A 261 18.16 10.12 16.99
C PHE A 261 18.61 10.48 18.40
N ARG A 262 18.62 11.75 18.77
CA ARG A 262 19.10 12.08 20.12
C ARG A 262 18.21 11.49 21.22
N GLN A 263 16.90 11.54 21.02
CA GLN A 263 16.02 10.85 21.96
C GLN A 263 16.40 9.38 22.09
N GLU A 264 16.23 8.64 20.99
CA GLU A 264 16.38 7.19 21.04
C GLU A 264 17.78 6.77 21.52
N SER A 265 18.82 7.51 21.11
CA SER A 265 20.17 7.10 21.46
C SER A 265 20.44 7.24 22.96
N GLN A 266 19.88 8.27 23.60
CA GLN A 266 20.15 8.45 25.01
C GLN A 266 19.44 7.39 25.82
N LYS A 267 18.20 7.06 25.44
CA LYS A 267 17.53 5.91 26.02
C LYS A 267 18.38 4.66 25.88
N LEU A 268 18.72 4.34 24.65
CA LEU A 268 19.49 3.12 24.39
C LEU A 268 20.79 3.10 25.16
N LEU A 269 21.51 4.22 25.18
CA LEU A 269 22.81 4.22 25.83
C LEU A 269 22.72 3.94 27.33
N GLN A 270 21.59 4.26 27.96
CA GLN A 270 21.45 4.08 29.40
C GLN A 270 20.57 2.90 29.72
N SER A 271 20.24 2.11 28.71
CA SER A 271 19.28 1.04 28.78
C SER A 271 19.96 -0.28 29.11
N ASP A 272 19.19 -1.18 29.75
CA ASP A 272 19.61 -2.53 30.04
C ASP A 272 19.96 -3.31 28.78
N LYS A 273 19.47 -2.87 27.61
CA LYS A 273 19.73 -3.56 26.34
C LYS A 273 20.84 -2.89 25.51
N LYS A 274 21.61 -1.98 26.12
CA LYS A 274 22.73 -1.34 25.45
C LYS A 274 23.66 -2.38 24.79
N ARG A 275 24.18 -3.33 25.55
CA ARG A 275 25.17 -4.26 25.00
C ARG A 275 24.58 -5.13 23.89
N THR A 276 23.34 -5.59 24.06
CA THR A 276 22.62 -6.36 23.05
C THR A 276 22.50 -5.58 21.74
N ALA A 277 22.18 -4.30 21.87
CA ALA A 277 22.09 -3.45 20.69
C ALA A 277 23.48 -3.21 20.09
N GLU A 278 24.51 -3.00 20.94
CA GLU A 278 25.88 -2.85 20.43
C GLU A 278 26.27 -4.08 19.59
N LEU A 279 25.99 -5.28 20.11
CA LEU A 279 26.36 -6.53 19.46
C LEU A 279 25.51 -6.82 18.22
N ALA A 280 24.31 -6.26 18.15
CA ALA A 280 23.40 -6.50 17.03
C ALA A 280 23.94 -5.89 15.74
N ASN A 281 24.31 -6.74 14.79
CA ASN A 281 24.74 -6.26 13.49
C ASN A 281 24.36 -7.26 12.40
N GLY A 282 23.08 -7.68 12.38
CA GLY A 282 22.63 -8.59 11.32
C GLY A 282 22.72 -7.95 9.94
N ALA A 283 22.74 -8.81 8.90
CA ALA A 283 22.89 -8.36 7.52
C ALA A 283 22.30 -9.40 6.58
N LEU A 284 21.74 -8.93 5.46
CA LEU A 284 21.46 -9.82 4.32
C LEU A 284 22.58 -9.61 3.30
N GLY A 285 23.50 -10.57 3.25
CA GLY A 285 24.68 -10.42 2.43
C GLY A 285 24.48 -10.94 1.03
N MET A 286 25.48 -10.68 0.21
CA MET A 286 25.39 -11.07 -1.20
C MET A 286 26.79 -11.40 -1.70
N ILE A 287 26.89 -12.51 -2.42
CA ILE A 287 28.11 -12.87 -3.14
C ILE A 287 27.74 -13.24 -4.56
N GLU A 288 28.68 -13.07 -5.49
CA GLU A 288 28.51 -13.61 -6.84
C GLU A 288 29.34 -14.85 -7.00
N LEU A 289 28.74 -15.80 -7.65
CA LEU A 289 29.33 -17.08 -7.99
C LEU A 289 29.82 -17.09 -9.42
N ASN A 290 30.82 -17.92 -9.67
CA ASN A 290 31.25 -18.34 -11.01
C ASN A 290 30.29 -19.37 -11.54
N ASP A 291 30.41 -19.69 -12.84
CA ASP A 291 29.48 -20.63 -13.45
C ASP A 291 29.65 -22.03 -12.89
N ASP A 292 30.74 -22.32 -12.17
CA ASP A 292 30.93 -23.61 -11.51
C ASP A 292 30.62 -23.54 -10.01
N TYR A 293 29.93 -22.48 -9.59
CA TYR A 293 29.36 -22.25 -8.26
C TYR A 293 30.38 -22.02 -7.18
N THR A 294 31.65 -21.73 -7.55
CA THR A 294 32.63 -21.19 -6.61
C THR A 294 32.41 -19.71 -6.44
N LEU A 295 33.14 -19.14 -5.47
CA LEU A 295 33.05 -17.75 -5.10
C LEU A 295 33.70 -16.88 -6.16
N LYS A 296 32.94 -15.97 -6.76
CA LYS A 296 33.52 -15.03 -7.70
C LYS A 296 33.76 -13.66 -7.08
N LYS A 297 32.80 -13.17 -6.29
CA LYS A 297 32.95 -11.82 -5.77
C LYS A 297 32.15 -11.65 -4.48
N VAL A 298 32.80 -11.19 -3.43
CA VAL A 298 32.09 -10.76 -2.23
C VAL A 298 31.51 -9.38 -2.50
N MET A 299 30.20 -9.20 -2.23
CA MET A 299 29.55 -7.92 -2.49
C MET A 299 29.06 -7.32 -1.18
N LYS A 300 28.76 -6.03 -1.19
CA LYS A 300 28.33 -5.41 0.05
C LYS A 300 26.93 -5.93 0.40
N PRO A 301 26.54 -5.83 1.68
CA PRO A 301 25.21 -6.34 2.12
C PRO A 301 24.12 -5.62 1.36
N LEU A 302 23.01 -6.31 1.11
CA LEU A 302 21.83 -5.59 0.62
C LEU A 302 21.23 -4.73 1.71
N ILE A 303 21.24 -5.23 2.95
CA ILE A 303 20.64 -4.47 4.05
C ILE A 303 21.27 -4.98 5.36
N ALA A 304 21.29 -4.12 6.38
CA ALA A 304 21.82 -4.46 7.70
C ALA A 304 20.85 -4.01 8.79
N SER A 305 21.00 -4.59 9.97
CA SER A 305 20.07 -4.34 11.06
C SER A 305 20.80 -3.96 12.32
N ASN A 306 21.90 -3.22 12.18
CA ASN A 306 22.68 -2.73 13.36
C ASN A 306 21.76 -2.15 14.41
N THR A 307 22.07 -2.48 15.68
CA THR A 307 21.43 -2.07 16.92
C THR A 307 20.09 -2.77 17.12
N VAL A 308 19.47 -3.24 16.04
CA VAL A 308 18.12 -3.81 16.15
C VAL A 308 18.15 -5.31 16.45
N THR A 309 18.93 -6.09 15.68
CA THR A 309 19.01 -7.53 15.92
C THR A 309 20.24 -8.09 15.25
N ASP A 310 20.74 -9.16 15.85
CA ASP A 310 21.85 -9.91 15.29
C ASP A 310 21.37 -10.95 14.35
N GLU A 311 20.05 -11.17 14.28
CA GLU A 311 19.54 -12.32 13.53
C GLU A 311 18.39 -11.93 12.59
N ILE A 312 18.70 -11.82 11.29
CA ILE A 312 17.68 -11.68 10.27
C ILE A 312 17.86 -12.88 9.36
N ALA A 313 16.86 -13.77 9.33
CA ALA A 313 17.05 -15.13 8.82
C ALA A 313 16.34 -15.35 7.52
N ARG A 314 16.64 -16.50 6.90
CA ARG A 314 15.92 -16.98 5.72
C ARG A 314 15.78 -15.89 4.65
N ALA A 315 16.92 -15.33 4.28
CA ALA A 315 17.01 -14.37 3.20
C ALA A 315 16.29 -14.90 1.96
N ASN A 316 15.48 -14.03 1.34
CA ASN A 316 14.78 -14.41 0.14
C ASN A 316 14.67 -13.19 -0.75
N VAL A 317 14.95 -13.36 -2.05
CA VAL A 317 14.88 -12.24 -2.99
C VAL A 317 14.42 -12.76 -4.34
N PHE A 318 13.52 -12.02 -4.97
CA PHE A 318 13.11 -12.41 -6.31
C PHE A 318 12.54 -11.18 -7.04
N LYS A 319 12.55 -11.25 -8.38
CA LYS A 319 11.96 -10.19 -9.19
C LYS A 319 10.53 -10.55 -9.52
N MET A 320 9.60 -9.64 -9.24
N MET A 320 9.61 -9.62 -9.26
CA MET A 320 8.19 -9.90 -9.54
CA MET A 320 8.20 -9.84 -9.47
C MET A 320 7.58 -8.63 -10.12
C MET A 320 7.63 -8.59 -10.13
N ASN A 321 7.01 -8.77 -11.32
CA ASN A 321 6.31 -7.69 -11.99
C ASN A 321 7.15 -6.42 -11.98
N GLY A 322 8.42 -6.58 -12.35
CA GLY A 322 9.30 -5.46 -12.57
C GLY A 322 10.14 -5.01 -11.39
N LYS A 323 9.80 -5.42 -10.16
CA LYS A 323 10.54 -4.98 -8.99
C LYS A 323 11.20 -6.15 -8.25
N TRP A 324 12.28 -5.83 -7.51
CA TRP A 324 12.91 -6.81 -6.65
C TRP A 324 12.41 -6.73 -5.21
N TYR A 325 11.99 -7.88 -4.68
CA TYR A 325 11.49 -7.99 -3.33
C TYR A 325 12.44 -8.82 -2.47
N LEU A 326 12.80 -8.30 -1.30
CA LEU A 326 13.78 -8.94 -0.41
C LEU A 326 13.08 -9.21 0.92
N PHE A 327 13.14 -10.45 1.39
CA PHE A 327 12.50 -10.74 2.67
C PHE A 327 13.45 -11.42 3.64
N THR A 328 13.10 -11.31 4.94
CA THR A 328 13.85 -11.99 6.01
C THR A 328 12.88 -12.23 7.18
N ASP A 329 13.13 -13.31 7.93
CA ASP A 329 12.40 -13.64 9.14
C ASP A 329 13.19 -13.23 10.36
N SER A 330 12.51 -12.80 11.42
CA SER A 330 13.24 -12.37 12.58
C SER A 330 12.40 -12.53 13.86
N ARG A 331 13.03 -12.89 14.96
CA ARG A 331 12.32 -13.12 16.22
C ARG A 331 12.35 -11.89 17.09
N GLY A 332 11.15 -11.46 17.53
CA GLY A 332 11.06 -10.40 18.52
C GLY A 332 11.89 -10.63 19.76
N SER A 333 12.08 -11.90 20.15
CA SER A 333 12.90 -12.23 21.32
C SER A 333 14.35 -11.79 21.20
N LYS A 334 14.85 -11.56 19.97
CA LYS A 334 16.26 -11.17 19.79
C LYS A 334 16.40 -9.72 19.36
N MET A 335 15.32 -8.95 19.37
CA MET A 335 15.32 -7.56 18.97
C MET A 335 15.43 -6.68 20.22
N THR A 336 15.69 -5.40 20.00
CA THR A 336 15.93 -4.42 21.06
C THR A 336 14.90 -3.30 21.02
N ILE A 337 13.73 -3.55 20.45
CA ILE A 337 12.77 -2.51 20.09
C ILE A 337 11.63 -2.52 21.12
N ASP A 338 11.42 -1.41 21.79
CA ASP A 338 10.32 -1.33 22.77
C ASP A 338 8.97 -1.60 22.12
N GLY A 339 8.11 -2.32 22.84
CA GLY A 339 6.82 -2.69 22.28
C GLY A 339 6.84 -3.95 21.43
N ILE A 340 8.00 -4.43 21.02
CA ILE A 340 8.10 -5.72 20.34
C ILE A 340 8.42 -6.74 21.42
N THR A 341 7.63 -7.81 21.49
CA THR A 341 7.67 -8.73 22.61
C THR A 341 8.35 -10.04 22.27
N SER A 342 8.63 -10.86 23.30
CA SER A 342 9.33 -12.10 22.99
C SER A 342 8.46 -13.13 22.25
N ASN A 343 7.15 -12.91 22.17
CA ASN A 343 6.27 -13.73 21.36
C ASN A 343 6.16 -13.25 19.91
N ASP A 344 6.58 -12.01 19.61
CA ASP A 344 6.46 -11.53 18.25
C ASP A 344 7.45 -12.24 17.36
N ILE A 345 6.98 -12.70 16.20
CA ILE A 345 7.81 -13.27 15.13
C ILE A 345 7.35 -12.59 13.84
N TYR A 346 8.30 -12.22 12.98
CA TYR A 346 8.01 -11.43 11.79
C TYR A 346 8.59 -12.02 10.54
N MET A 347 7.97 -11.68 9.41
CA MET A 347 8.67 -11.63 8.12
C MET A 347 8.70 -10.15 7.73
N LEU A 348 9.91 -9.63 7.53
CA LEU A 348 10.14 -8.25 7.09
C LEU A 348 10.47 -8.27 5.61
N GLY A 349 10.12 -7.18 4.92
CA GLY A 349 10.26 -7.14 3.46
C GLY A 349 10.55 -5.76 2.91
N TYR A 350 11.26 -5.72 1.78
CA TYR A 350 11.90 -4.52 1.24
C TYR A 350 11.78 -4.58 -0.26
N VAL A 351 11.83 -3.44 -0.94
CA VAL A 351 11.61 -3.46 -2.40
C VAL A 351 12.63 -2.57 -3.08
N SER A 352 13.06 -2.98 -4.27
CA SER A 352 14.00 -2.15 -4.97
C SER A 352 13.76 -2.25 -6.47
N ASN A 353 14.24 -1.22 -7.18
CA ASN A 353 14.25 -1.32 -8.63
C ASN A 353 15.33 -2.24 -9.15
N SER A 354 16.39 -2.53 -8.37
CA SER A 354 17.43 -3.43 -8.85
C SER A 354 17.81 -4.47 -7.77
N LEU A 355 18.33 -5.59 -8.25
CA LEU A 355 18.75 -6.63 -7.32
C LEU A 355 19.69 -6.09 -6.25
N THR A 356 20.57 -5.16 -6.62
CA THR A 356 21.59 -4.70 -5.69
C THR A 356 21.19 -3.44 -4.95
N GLY A 357 19.93 -3.05 -4.99
CA GLY A 357 19.56 -1.95 -4.10
C GLY A 357 19.47 -0.65 -4.84
N PRO A 358 19.10 0.42 -4.14
CA PRO A 358 18.80 0.36 -2.69
C PRO A 358 17.40 -0.09 -2.36
N TYR A 359 17.23 -0.65 -1.17
CA TYR A 359 15.94 -1.19 -0.74
C TYR A 359 15.23 -0.21 0.19
N LYS A 360 13.91 -0.14 0.05
CA LYS A 360 12.97 0.64 0.83
C LYS A 360 12.02 -0.30 1.55
N PRO A 361 11.64 0.02 2.77
CA PRO A 361 10.77 -0.89 3.52
C PRO A 361 9.40 -1.02 2.86
N LEU A 362 8.90 -2.25 2.76
CA LEU A 362 7.50 -2.47 2.37
C LEU A 362 6.54 -1.96 3.44
N ASN A 363 5.39 -1.40 3.01
CA ASN A 363 4.36 -0.88 3.91
C ASN A 363 4.98 0.12 4.88
N LYS A 364 5.93 0.88 4.36
CA LYS A 364 6.59 1.95 5.12
C LYS A 364 7.53 1.48 6.22
N THR A 365 7.18 0.41 6.97
CA THR A 365 8.03 0.03 8.09
C THR A 365 8.88 -1.21 7.83
N GLY A 366 8.58 -2.00 6.81
CA GLY A 366 9.18 -3.30 6.64
C GLY A 366 8.36 -4.45 7.18
N LEU A 367 7.35 -4.16 7.99
CA LEU A 367 6.44 -5.22 8.46
C LEU A 367 5.69 -5.81 7.30
N VAL A 368 5.80 -7.13 7.12
CA VAL A 368 4.98 -7.86 6.16
C VAL A 368 4.08 -8.88 6.85
N LEU A 369 4.65 -9.66 7.76
CA LEU A 369 3.88 -10.68 8.46
C LEU A 369 4.27 -10.65 9.91
N LYS A 370 3.27 -10.82 10.77
CA LYS A 370 3.49 -10.93 12.20
C LYS A 370 2.74 -12.16 12.70
N MET A 371 3.40 -12.90 13.57
CA MET A 371 2.88 -14.13 14.18
C MET A 371 3.22 -14.03 15.66
N ASP A 372 2.21 -14.08 16.52
CA ASP A 372 2.57 -13.91 17.91
C ASP A 372 1.97 -14.97 18.81
N LEU A 373 1.66 -16.17 18.28
CA LEU A 373 1.14 -17.25 19.12
C LEU A 373 2.16 -17.68 20.17
N ASP A 374 1.64 -18.09 21.31
CA ASP A 374 2.46 -18.73 22.31
C ASP A 374 3.26 -19.86 21.67
N PRO A 375 4.54 -20.02 22.02
CA PRO A 375 5.32 -21.14 21.46
C PRO A 375 4.71 -22.52 21.68
N ASN A 376 3.89 -22.69 22.72
CA ASN A 376 3.28 -23.97 22.97
C ASN A 376 2.07 -24.24 22.08
N ASP A 377 1.63 -23.24 21.33
CA ASP A 377 0.48 -23.38 20.48
C ASP A 377 0.80 -24.38 19.38
N VAL A 378 -0.13 -25.31 19.13
CA VAL A 378 0.16 -26.30 18.11
C VAL A 378 0.27 -25.64 16.74
N THR A 379 -0.44 -24.54 16.49
CA THR A 379 -0.40 -23.87 15.20
C THR A 379 0.59 -22.70 15.16
N PHE A 380 1.47 -22.59 16.16
CA PHE A 380 2.68 -21.76 16.06
C PHE A 380 3.34 -22.00 14.71
N THR A 381 3.72 -20.92 13.97
CA THR A 381 4.51 -21.12 12.75
C THR A 381 5.78 -20.27 12.75
N TYR A 382 6.78 -20.73 11.99
CA TYR A 382 8.02 -19.97 11.92
C TYR A 382 8.68 -20.24 10.56
N SER A 383 9.68 -19.42 10.22
CA SER A 383 10.47 -19.64 9.03
C SER A 383 9.62 -19.39 7.79
N HIS A 384 8.76 -18.38 7.85
CA HIS A 384 7.94 -18.01 6.70
C HIS A 384 8.78 -17.68 5.49
N PHE A 385 8.25 -18.06 4.31
CA PHE A 385 9.04 -17.97 3.08
C PHE A 385 8.09 -17.71 1.91
N ALA A 386 8.38 -16.65 1.15
CA ALA A 386 7.49 -16.21 0.08
C ALA A 386 7.87 -16.90 -1.21
N VAL A 387 6.93 -17.65 -1.78
CA VAL A 387 7.22 -18.45 -2.97
C VAL A 387 6.64 -17.72 -4.18
N PRO A 388 7.46 -17.29 -5.13
CA PRO A 388 6.94 -16.57 -6.30
C PRO A 388 6.13 -17.49 -7.20
N GLN A 389 5.09 -16.90 -7.81
CA GLN A 389 4.17 -17.59 -8.69
C GLN A 389 4.33 -17.11 -10.15
N ALA A 390 3.98 -18.00 -11.08
CA ALA A 390 4.15 -17.73 -12.51
C ALA A 390 3.31 -16.55 -12.99
N LYS A 391 2.15 -16.31 -12.37
CA LYS A 391 1.22 -15.28 -12.78
C LYS A 391 0.70 -14.51 -11.56
N GLY A 392 0.27 -13.27 -11.77
CA GLY A 392 -0.57 -12.60 -10.76
C GLY A 392 0.23 -11.76 -9.80
N ASN A 393 -0.47 -11.27 -8.77
CA ASN A 393 0.14 -10.43 -7.75
C ASN A 393 0.35 -11.16 -6.43
N ASN A 394 -0.05 -12.43 -6.33
CA ASN A 394 0.02 -13.13 -5.05
C ASN A 394 1.21 -14.08 -5.01
N VAL A 395 1.85 -14.17 -3.85
CA VAL A 395 2.84 -15.21 -3.65
C VAL A 395 2.29 -16.16 -2.58
N VAL A 396 2.87 -17.34 -2.54
CA VAL A 396 2.49 -18.37 -1.59
C VAL A 396 3.45 -18.29 -0.42
N ILE A 397 2.92 -18.18 0.78
CA ILE A 397 3.74 -18.16 1.99
C ILE A 397 3.78 -19.57 2.57
N THR A 398 4.96 -20.19 2.54
CA THR A 398 5.09 -21.44 3.27
C THR A 398 5.74 -21.17 4.63
N SER A 399 5.59 -22.14 5.53
CA SER A 399 6.24 -22.08 6.84
C SER A 399 6.12 -23.47 7.46
N TYR A 400 6.86 -23.69 8.57
CA TYR A 400 6.63 -24.92 9.31
C TYR A 400 5.78 -24.62 10.53
N MET A 401 5.09 -25.67 11.01
CA MET A 401 4.15 -25.53 12.10
C MET A 401 4.52 -26.45 13.26
N THR A 402 4.35 -25.92 14.49
CA THR A 402 4.56 -26.64 15.76
C THR A 402 6.04 -26.66 16.10
N ASN A 403 6.40 -26.14 17.27
CA ASN A 403 7.81 -26.08 17.65
C ASN A 403 8.41 -27.47 17.78
N ARG A 404 9.64 -27.60 17.30
CA ARG A 404 10.44 -28.82 17.43
C ARG A 404 10.36 -29.39 18.83
N GLY A 405 10.13 -30.68 18.91
CA GLY A 405 10.28 -31.36 20.17
C GLY A 405 9.23 -31.05 21.22
N PHE A 406 8.19 -30.27 20.92
CA PHE A 406 7.25 -29.87 21.98
C PHE A 406 6.22 -30.94 22.32
N TYR A 407 5.74 -31.68 21.33
CA TYR A 407 4.61 -32.61 21.48
C TYR A 407 5.07 -33.99 21.07
N ALA A 408 4.69 -34.99 21.86
CA ALA A 408 5.01 -36.38 21.53
C ALA A 408 4.48 -36.76 20.16
N ASP A 409 3.24 -36.40 19.88
CA ASP A 409 2.63 -36.96 18.67
C ASP A 409 2.39 -35.92 17.58
N LYS A 410 2.72 -34.66 17.78
CA LYS A 410 2.50 -33.66 16.74
C LYS A 410 3.87 -33.06 16.43
N GLN A 411 4.50 -33.54 15.37
CA GLN A 411 5.85 -33.09 15.04
C GLN A 411 5.81 -31.77 14.28
N SER A 412 6.94 -31.07 14.28
CA SER A 412 7.09 -29.97 13.31
C SER A 412 6.71 -30.49 11.94
N THR A 413 5.83 -29.76 11.26
CA THR A 413 5.25 -30.23 10.00
C THR A 413 5.13 -29.04 9.00
N PHE A 414 4.81 -29.34 7.75
CA PHE A 414 4.44 -28.29 6.81
C PHE A 414 3.21 -27.54 7.31
N ALA A 415 3.30 -26.23 7.40
CA ALA A 415 2.09 -25.49 7.80
C ALA A 415 1.12 -25.42 6.61
N PRO A 416 -0.18 -25.14 6.84
CA PRO A 416 -1.00 -24.71 5.70
C PRO A 416 -0.37 -23.47 5.07
N SER A 417 -0.16 -23.53 3.77
CA SER A 417 0.29 -22.36 3.06
C SER A 417 -0.84 -21.33 3.00
N PHE A 418 -0.51 -20.08 2.67
CA PHE A 418 -1.55 -19.07 2.46
C PHE A 418 -1.00 -18.03 1.51
N LEU A 419 -1.85 -17.06 1.11
CA LEU A 419 -1.45 -16.16 0.03
C LEU A 419 -1.16 -14.77 0.52
N LEU A 420 -0.15 -14.14 -0.11
CA LEU A 420 0.27 -12.78 0.18
C LEU A 420 0.20 -11.96 -1.12
N ASN A 421 -0.62 -10.92 -1.11
CA ASN A 421 -0.72 -10.01 -2.25
C ASN A 421 0.37 -8.93 -2.17
N ILE A 422 1.12 -8.75 -3.25
CA ILE A 422 2.21 -7.79 -3.27
C ILE A 422 1.96 -6.77 -4.39
N LYS A 423 1.80 -5.50 -4.02
CA LYS A 423 1.44 -4.46 -4.98
C LYS A 423 2.38 -3.26 -4.81
N GLY A 424 3.29 -3.08 -5.76
CA GLY A 424 4.24 -1.99 -5.60
C GLY A 424 5.05 -2.08 -4.33
N LYS A 425 4.77 -1.19 -3.37
CA LYS A 425 5.49 -1.09 -2.10
C LYS A 425 4.66 -1.56 -0.92
N LYS A 426 3.58 -2.28 -1.19
CA LYS A 426 2.61 -2.64 -0.16
C LYS A 426 2.22 -4.10 -0.35
N THR A 427 1.87 -4.74 0.77
CA THR A 427 1.48 -6.14 0.72
C THR A 427 0.24 -6.31 1.57
N SER A 428 -0.51 -7.37 1.30
N SER A 428 -0.50 -7.38 1.30
CA SER A 428 -1.60 -7.70 2.20
CA SER A 428 -1.62 -7.72 2.16
C SER A 428 -1.78 -9.20 2.22
C SER A 428 -1.76 -9.22 2.21
N VAL A 429 -1.96 -9.74 3.42
CA VAL A 429 -2.36 -11.13 3.58
C VAL A 429 -3.70 -11.27 2.90
N VAL A 430 -3.83 -12.23 1.98
CA VAL A 430 -5.08 -12.46 1.28
C VAL A 430 -6.06 -13.18 2.19
N LYS A 431 -7.25 -12.59 2.35
CA LYS A 431 -8.27 -13.14 3.25
C LYS A 431 -8.77 -14.50 2.78
N ASP A 432 -8.87 -15.45 3.71
CA ASP A 432 -9.39 -16.78 3.41
C ASP A 432 -8.60 -17.47 2.29
N SER A 433 -7.27 -17.41 2.39
CA SER A 433 -6.43 -17.96 1.34
C SER A 433 -5.65 -19.20 1.80
N ILE A 434 -6.16 -19.87 2.84
CA ILE A 434 -5.43 -21.00 3.40
C ILE A 434 -5.44 -22.16 2.43
N LEU A 435 -4.26 -22.68 2.13
CA LEU A 435 -4.06 -23.74 1.17
C LEU A 435 -3.82 -25.04 1.90
N GLU A 436 -3.44 -26.10 1.18
CA GLU A 436 -3.07 -27.30 1.93
C GLU A 436 -1.75 -27.08 2.67
N GLN A 437 -1.49 -27.95 3.65
CA GLN A 437 -0.19 -28.01 4.32
C GLN A 437 0.93 -28.20 3.29
N GLY A 438 1.86 -27.27 3.24
CA GLY A 438 2.96 -27.51 2.35
C GLY A 438 2.75 -27.15 0.90
N GLN A 439 1.60 -26.58 0.54
CA GLN A 439 1.33 -26.29 -0.86
C GLN A 439 2.22 -25.18 -1.38
N LEU A 440 2.80 -25.36 -2.57
CA LEU A 440 3.77 -24.40 -3.13
C LEU A 440 3.20 -23.46 -4.20
N THR A 441 2.13 -23.85 -4.88
CA THR A 441 1.64 -23.18 -6.08
C THR A 441 0.13 -23.04 -5.97
N VAL A 442 -0.41 -22.08 -6.70
CA VAL A 442 -1.86 -22.03 -6.84
C VAL A 442 -2.30 -22.68 -8.15
N THR B 3 -31.06 -13.12 -29.37
CA THR B 3 -31.85 -12.04 -28.74
C THR B 3 -31.89 -10.80 -29.65
N ASN B 4 -33.01 -10.07 -29.63
CA ASN B 4 -33.09 -8.84 -30.42
C ASN B 4 -32.58 -7.62 -29.67
N GLN B 5 -32.02 -7.78 -28.49
CA GLN B 5 -31.47 -6.63 -27.77
C GLN B 5 -30.03 -6.45 -28.27
N LYS B 6 -29.82 -5.51 -29.14
CA LYS B 6 -28.58 -5.32 -29.89
C LYS B 6 -27.72 -4.21 -29.33
N PRO B 7 -26.39 -4.31 -29.52
CA PRO B 7 -25.48 -3.19 -29.23
C PRO B 7 -25.78 -1.96 -30.06
N TYR B 8 -25.38 -0.82 -29.53
CA TYR B 8 -25.55 0.47 -30.19
C TYR B 8 -24.48 1.39 -29.66
N LYS B 9 -24.45 2.62 -30.15
CA LYS B 9 -23.44 3.59 -29.72
C LYS B 9 -24.14 4.93 -29.66
N GLU B 10 -24.31 5.48 -28.46
CA GLU B 10 -24.92 6.79 -28.33
C GLU B 10 -24.06 7.57 -27.34
N THR B 11 -23.44 8.66 -27.79
CA THR B 11 -22.65 9.41 -26.82
C THR B 11 -23.45 10.47 -26.10
N TYR B 12 -24.63 10.82 -26.61
CA TYR B 12 -25.43 11.93 -26.06
C TYR B 12 -24.72 13.26 -26.15
N GLY B 13 -23.69 13.32 -26.99
CA GLY B 13 -22.87 14.50 -27.06
C GLY B 13 -22.10 14.85 -25.80
N ILE B 14 -21.75 13.87 -24.96
CA ILE B 14 -20.97 14.13 -23.75
C ILE B 14 -19.79 13.18 -23.73
N SER B 15 -18.79 13.50 -22.93
CA SER B 15 -17.65 12.59 -22.85
C SER B 15 -17.87 11.48 -21.84
N HIS B 16 -17.17 10.38 -21.99
CA HIS B 16 -17.48 9.24 -21.15
C HIS B 16 -16.23 8.63 -20.56
N ILE B 17 -16.33 8.32 -19.29
CA ILE B 17 -15.31 7.49 -18.64
C ILE B 17 -15.55 6.05 -19.08
N THR B 18 -14.63 5.50 -19.90
CA THR B 18 -14.88 4.21 -20.54
C THR B 18 -14.29 3.07 -19.73
N ARG B 19 -14.92 1.90 -19.83
CA ARG B 19 -14.33 0.75 -19.17
C ARG B 19 -12.92 0.48 -19.70
N HIS B 20 -12.68 0.68 -21.01
CA HIS B 20 -11.34 0.38 -21.55
C HIS B 20 -10.28 1.18 -20.79
N ASP B 21 -10.54 2.48 -20.61
CA ASP B 21 -9.59 3.36 -19.93
C ASP B 21 -9.38 2.93 -18.50
N MET B 22 -10.47 2.64 -17.79
N MET B 22 -10.48 2.70 -17.75
CA MET B 22 -10.36 2.28 -16.38
CA MET B 22 -10.32 2.29 -16.36
C MET B 22 -9.63 0.95 -16.19
C MET B 22 -9.53 0.97 -16.23
N LEU B 23 -9.74 0.04 -17.16
CA LEU B 23 -9.09 -1.26 -17.03
C LEU B 23 -7.57 -1.13 -17.11
N GLN B 24 -7.08 -0.03 -17.69
CA GLN B 24 -5.65 0.25 -17.73
C GLN B 24 -5.13 0.87 -16.45
N ILE B 25 -5.99 1.32 -15.54
CA ILE B 25 -5.45 2.05 -14.39
C ILE B 25 -4.72 1.14 -13.39
N PRO B 26 -5.11 -0.11 -13.19
CA PRO B 26 -4.41 -0.89 -12.15
C PRO B 26 -2.93 -1.06 -12.45
N GLU B 27 -2.53 -1.31 -13.71
CA GLU B 27 -1.10 -1.36 -13.99
C GLU B 27 -0.51 0.03 -13.97
N GLN B 28 -1.23 0.98 -14.53
CA GLN B 28 -0.64 2.30 -14.70
C GLN B 28 -0.40 2.95 -13.34
N GLN B 29 -1.25 2.64 -12.36
CA GLN B 29 -1.16 3.35 -11.10
C GLN B 29 0.09 2.95 -10.31
N LYS B 30 0.82 1.92 -10.74
CA LYS B 30 2.07 1.62 -10.05
C LYS B 30 3.15 2.69 -10.27
N ASN B 31 3.02 3.50 -11.31
CA ASN B 31 4.03 4.52 -11.58
C ASN B 31 3.91 5.65 -10.58
N GLU B 32 5.04 6.05 -9.99
CA GLU B 32 5.07 7.06 -8.93
C GLU B 32 4.60 8.43 -9.39
N LYS B 33 4.60 8.72 -10.68
CA LYS B 33 4.08 10.03 -11.05
C LYS B 33 2.56 10.15 -10.84
N TYR B 34 1.86 9.07 -10.49
CA TYR B 34 0.42 9.16 -10.31
C TYR B 34 0.03 8.92 -8.86
N GLN B 35 0.98 8.96 -7.92
CA GLN B 35 0.73 8.53 -6.56
C GLN B 35 0.82 9.70 -5.59
N VAL B 36 -0.18 9.78 -4.71
CA VAL B 36 -0.12 10.72 -3.61
C VAL B 36 1.19 10.45 -2.88
N PRO B 37 2.02 11.46 -2.64
CA PRO B 37 3.27 11.24 -1.92
C PRO B 37 3.03 10.67 -0.54
N GLU B 38 4.03 9.95 -0.06
CA GLU B 38 4.03 9.44 1.29
C GLU B 38 4.23 10.59 2.28
N PHE B 39 3.45 10.59 3.38
CA PHE B 39 3.47 11.66 4.38
C PHE B 39 4.11 11.20 5.69
N ASP B 40 4.95 12.07 6.25
CA ASP B 40 5.57 11.87 7.56
C ASP B 40 4.53 12.02 8.67
N SER B 41 4.05 10.90 9.21
CA SER B 41 3.01 10.95 10.22
C SER B 41 3.44 11.68 11.50
N SER B 42 4.74 11.84 11.73
N SER B 42 4.73 11.84 11.75
CA SER B 42 5.17 12.52 12.96
CA SER B 42 5.13 12.53 12.97
C SER B 42 4.92 14.02 12.89
C SER B 42 4.85 14.02 12.90
N THR B 43 4.68 14.56 11.70
CA THR B 43 4.51 16.00 11.50
C THR B 43 3.07 16.49 11.63
N ILE B 44 2.08 15.60 11.63
CA ILE B 44 0.69 15.96 11.37
C ILE B 44 0.06 16.52 12.64
N LYS B 45 -0.44 17.75 12.56
CA LYS B 45 -1.09 18.39 13.70
C LYS B 45 -2.61 18.49 13.48
N ASN B 46 -3.39 18.33 14.55
CA ASN B 46 -4.79 18.74 14.49
C ASN B 46 -4.88 20.23 14.24
N ILE B 47 -5.98 20.66 13.61
CA ILE B 47 -6.22 22.09 13.42
C ILE B 47 -6.51 22.73 14.78
N SER B 48 -5.61 23.63 15.21
CA SER B 48 -5.75 24.24 16.52
C SER B 48 -7.11 24.90 16.67
N SER B 49 -7.44 25.80 15.74
CA SER B 49 -8.72 26.52 15.84
C SER B 49 -9.92 25.60 15.80
N ALA B 50 -9.73 24.33 15.45
CA ALA B 50 -10.86 23.44 15.22
C ALA B 50 -11.53 23.01 16.51
N LYS B 51 -10.97 23.35 17.67
CA LYS B 51 -11.60 23.04 18.97
C LYS B 51 -11.96 21.55 19.07
N GLY B 52 -11.06 20.69 18.61
CA GLY B 52 -11.36 19.25 18.67
C GLY B 52 -12.53 18.78 17.81
N LEU B 53 -12.76 19.40 16.67
CA LEU B 53 -13.72 18.91 15.67
C LEU B 53 -13.02 18.06 14.60
N ASP B 54 -13.75 17.13 14.02
CA ASP B 54 -13.32 16.56 12.74
C ASP B 54 -13.57 17.58 11.59
N VAL B 55 -12.54 17.90 10.82
CA VAL B 55 -12.64 18.83 9.69
C VAL B 55 -12.30 18.05 8.41
N TRP B 56 -13.25 18.04 7.49
N TRP B 56 -13.21 17.95 7.44
CA TRP B 56 -13.31 17.10 6.38
CA TRP B 56 -12.84 17.13 6.28
C TRP B 56 -13.06 17.84 5.08
C TRP B 56 -12.92 17.94 4.99
N ALA B 57 -13.83 17.60 4.04
CA ALA B 57 -13.78 18.26 2.73
C ALA B 57 -13.69 19.76 2.88
N SER B 58 -12.66 20.35 2.28
CA SER B 58 -12.45 21.78 2.39
C SER B 58 -12.32 22.40 1.00
N TRP B 59 -12.61 23.69 0.91
CA TRP B 59 -12.35 24.37 -0.35
C TRP B 59 -12.01 25.82 -0.07
N PRO B 60 -11.16 26.43 -0.88
CA PRO B 60 -10.80 27.83 -0.70
C PRO B 60 -11.80 28.76 -1.36
N LEU B 61 -11.95 29.93 -0.76
CA LEU B 61 -12.49 31.07 -1.46
C LEU B 61 -11.61 31.37 -2.65
N GLN B 62 -12.20 31.36 -3.87
CA GLN B 62 -11.47 31.48 -5.12
C GLN B 62 -11.87 32.72 -5.89
N ASN B 63 -10.89 33.29 -6.61
CA ASN B 63 -11.21 34.23 -7.67
C ASN B 63 -11.98 33.52 -8.81
N ALA B 64 -12.53 34.34 -9.70
CA ALA B 64 -13.35 33.82 -10.79
C ALA B 64 -12.58 32.83 -11.64
N ASP B 65 -11.26 33.02 -11.75
CA ASP B 65 -10.44 32.11 -12.56
C ASP B 65 -9.93 30.86 -11.81
N GLY B 66 -10.34 30.65 -10.56
CA GLY B 66 -9.93 29.50 -9.78
C GLY B 66 -8.75 29.77 -8.85
N THR B 67 -7.98 30.84 -9.08
CA THR B 67 -6.88 31.12 -8.15
C THR B 67 -7.42 31.54 -6.81
N VAL B 68 -6.55 31.43 -5.80
CA VAL B 68 -6.97 31.65 -4.43
C VAL B 68 -7.15 33.14 -4.16
N ALA B 69 -8.28 33.51 -3.59
CA ALA B 69 -8.62 34.90 -3.37
C ALA B 69 -7.81 35.49 -2.21
N ASN B 70 -7.55 36.77 -2.30
CA ASN B 70 -6.99 37.55 -1.20
C ASN B 70 -8.11 38.40 -0.65
N TYR B 71 -8.64 38.02 0.53
CA TYR B 71 -9.79 38.68 1.11
C TYR B 71 -9.28 39.60 2.22
N HIS B 72 -8.96 40.83 1.85
N HIS B 72 -8.95 40.83 1.84
CA HIS B 72 -8.51 41.86 2.79
CA HIS B 72 -8.50 41.86 2.78
C HIS B 72 -7.35 41.33 3.65
C HIS B 72 -7.34 41.35 3.63
N GLY B 73 -6.30 40.88 2.95
CA GLY B 73 -5.15 40.29 3.61
C GLY B 73 -5.31 38.86 4.12
N TYR B 74 -6.30 38.12 3.65
CA TYR B 74 -6.47 36.79 4.20
C TYR B 74 -6.80 35.81 3.08
N HIS B 75 -6.45 34.56 3.33
CA HIS B 75 -6.93 33.40 2.59
C HIS B 75 -8.08 32.83 3.41
N ILE B 76 -9.12 32.36 2.73
CA ILE B 76 -10.28 31.78 3.43
C ILE B 76 -10.53 30.38 2.91
N VAL B 77 -10.77 29.44 3.82
CA VAL B 77 -11.11 28.07 3.47
C VAL B 77 -12.41 27.69 4.16
N PHE B 78 -13.38 27.21 3.39
CA PHE B 78 -14.59 26.65 3.96
C PHE B 78 -14.44 25.15 4.12
N ALA B 79 -14.90 24.61 5.23
CA ALA B 79 -14.68 23.17 5.42
C ALA B 79 -15.87 22.55 6.10
N LEU B 80 -16.16 21.30 5.74
CA LEU B 80 -17.16 20.53 6.49
C LEU B 80 -16.54 20.09 7.82
N ALA B 81 -17.28 20.23 8.90
CA ALA B 81 -16.76 19.82 10.20
C ALA B 81 -17.94 19.43 11.06
N GLY B 82 -17.67 18.55 12.01
CA GLY B 82 -18.74 18.09 12.87
C GLY B 82 -18.17 17.22 13.97
N ASP B 83 -19.09 16.70 14.78
CA ASP B 83 -18.73 15.94 15.97
C ASP B 83 -18.07 14.62 15.57
N PRO B 84 -16.80 14.37 15.94
CA PRO B 84 -16.21 13.06 15.65
C PRO B 84 -17.07 11.90 16.13
N LYS B 85 -17.92 12.12 17.14
CA LYS B 85 -18.83 11.11 17.69
C LYS B 85 -20.07 10.88 16.84
N ASN B 86 -20.35 11.72 15.85
CA ASN B 86 -21.65 11.71 15.19
C ASN B 86 -21.47 12.00 13.71
N ALA B 87 -21.66 10.98 12.87
CA ALA B 87 -21.42 11.10 11.44
C ALA B 87 -22.51 11.88 10.70
N ASP B 88 -23.67 12.07 11.34
CA ASP B 88 -24.76 12.87 10.78
C ASP B 88 -24.75 14.31 11.26
N ASP B 89 -23.65 14.76 11.84
CA ASP B 89 -23.46 16.14 12.21
C ASP B 89 -22.37 16.70 11.29
N THR B 90 -22.78 17.56 10.36
CA THR B 90 -21.92 18.12 9.32
C THR B 90 -22.39 19.54 9.06
N SER B 91 -21.59 20.53 9.45
CA SER B 91 -21.88 21.91 9.11
C SER B 91 -20.66 22.53 8.45
N ILE B 92 -20.88 23.60 7.76
CA ILE B 92 -19.78 24.29 7.11
C ILE B 92 -19.21 25.34 8.08
N TYR B 93 -17.88 25.32 8.27
CA TYR B 93 -17.14 26.29 9.06
C TYR B 93 -16.23 27.07 8.14
N MET B 94 -15.85 28.27 8.58
CA MET B 94 -15.01 29.15 7.79
C MET B 94 -13.71 29.38 8.55
N PHE B 95 -12.60 28.90 7.99
CA PHE B 95 -11.25 29.16 8.51
C PHE B 95 -10.60 30.22 7.64
N TYR B 96 -9.60 30.91 8.21
CA TYR B 96 -8.86 31.99 7.53
C TYR B 96 -7.42 32.11 8.05
N GLN B 97 -6.54 32.64 7.20
CA GLN B 97 -5.17 32.91 7.57
C GLN B 97 -4.65 34.04 6.69
N LYS B 98 -3.51 34.64 7.09
CA LYS B 98 -3.03 35.81 6.39
C LYS B 98 -2.22 35.46 5.15
N VAL B 99 -2.40 36.24 4.08
CA VAL B 99 -1.71 35.96 2.84
C VAL B 99 -0.21 35.95 3.10
N GLY B 100 0.50 35.06 2.39
CA GLY B 100 1.92 34.81 2.61
C GLY B 100 2.19 33.84 3.76
N GLU B 101 1.31 33.80 4.76
CA GLU B 101 1.48 32.86 5.86
C GLU B 101 1.19 31.45 5.35
N THR B 102 1.90 30.45 5.91
CA THR B 102 1.64 29.07 5.50
C THR B 102 1.49 28.07 6.62
N SER B 103 1.64 28.43 7.88
CA SER B 103 1.67 27.42 8.91
C SER B 103 0.29 26.89 9.25
N ILE B 104 0.23 25.58 9.54
CA ILE B 104 -0.98 24.94 10.03
C ILE B 104 -1.62 25.81 11.10
N ASP B 105 -0.88 26.15 12.17
CA ASP B 105 -1.49 26.78 13.35
C ASP B 105 -2.00 28.18 13.05
N SER B 106 -1.53 28.79 11.97
CA SER B 106 -2.03 30.11 11.60
C SER B 106 -3.49 30.11 11.11
N TRP B 107 -4.18 28.95 11.07
CA TRP B 107 -5.54 28.86 10.53
C TRP B 107 -6.51 29.17 11.66
N LYS B 108 -7.08 30.37 11.65
CA LYS B 108 -8.08 30.76 12.64
C LYS B 108 -9.46 30.25 12.22
N ASN B 109 -10.35 30.04 13.22
CA ASN B 109 -11.73 29.54 13.02
C ASN B 109 -12.74 30.68 13.24
N ALA B 110 -13.40 31.12 12.18
CA ALA B 110 -14.46 32.10 12.32
C ALA B 110 -15.80 31.46 12.67
N GLY B 111 -15.84 30.11 12.91
CA GLY B 111 -17.07 29.43 13.25
C GLY B 111 -17.96 29.06 12.05
N ARG B 112 -19.17 28.60 12.37
CA ARG B 112 -20.12 28.12 11.36
C ARG B 112 -20.62 29.26 10.50
N VAL B 113 -20.73 29.00 9.18
CA VAL B 113 -21.28 30.03 8.26
C VAL B 113 -22.73 30.33 8.64
N PHE B 114 -23.47 29.30 9.01
CA PHE B 114 -24.91 29.35 9.17
C PHE B 114 -25.29 29.19 10.63
N LYS B 115 -26.24 30.01 11.06
CA LYS B 115 -27.01 29.74 12.27
C LYS B 115 -28.12 28.76 11.92
N ASP B 116 -28.56 28.01 12.94
CA ASP B 116 -29.58 27.01 12.70
C ASP B 116 -30.87 27.58 12.13
N SER B 117 -31.20 28.81 12.48
CA SER B 117 -32.42 29.41 11.97
C SER B 117 -32.28 29.89 10.53
N ASP B 118 -31.07 30.09 10.01
CA ASP B 118 -30.93 30.70 8.68
C ASP B 118 -31.75 29.96 7.65
N LYS B 119 -31.79 28.62 7.74
CA LYS B 119 -32.45 27.85 6.66
C LYS B 119 -33.95 28.06 6.66
N PHE B 120 -34.52 28.44 7.80
CA PHE B 120 -35.95 28.65 7.94
C PHE B 120 -36.33 30.06 7.54
N ASP B 121 -35.46 31.02 7.82
CA ASP B 121 -35.72 32.40 7.46
C ASP B 121 -35.33 32.73 6.02
N ALA B 122 -34.78 31.75 5.28
CA ALA B 122 -34.49 31.96 3.87
C ALA B 122 -35.73 32.01 2.99
N ASN B 123 -36.91 31.68 3.49
CA ASN B 123 -38.13 31.68 2.67
C ASN B 123 -38.03 30.68 1.50
N ASP B 124 -37.48 29.51 1.77
CA ASP B 124 -37.12 28.55 0.73
C ASP B 124 -37.67 27.23 1.22
N SER B 125 -38.60 26.62 0.47
CA SER B 125 -39.21 25.39 0.96
C SER B 125 -38.22 24.22 1.03
N ILE B 126 -37.30 24.09 0.09
CA ILE B 126 -36.34 22.98 0.19
C ILE B 126 -35.44 23.14 1.43
N LEU B 127 -34.91 24.35 1.65
CA LEU B 127 -33.96 24.56 2.73
C LEU B 127 -34.55 24.20 4.09
N LYS B 128 -35.87 24.37 4.27
CA LYS B 128 -36.48 24.09 5.57
C LYS B 128 -36.26 22.65 6.02
N ASP B 129 -36.12 21.70 5.09
CA ASP B 129 -35.87 20.30 5.42
C ASP B 129 -34.39 19.92 5.49
N GLN B 130 -33.46 20.87 5.40
CA GLN B 130 -32.07 20.47 5.38
C GLN B 130 -31.70 19.83 6.70
N THR B 131 -30.86 18.79 6.68
CA THR B 131 -30.31 18.20 7.92
C THR B 131 -28.80 18.17 7.94
N GLN B 132 -28.12 18.39 6.82
CA GLN B 132 -26.67 18.46 6.80
C GLN B 132 -26.26 19.43 5.71
N GLU B 133 -25.08 20.03 5.89
CA GLU B 133 -24.47 20.90 4.90
C GLU B 133 -23.29 20.17 4.29
N TRP B 134 -23.32 19.94 2.98
CA TRP B 134 -22.21 19.22 2.33
C TRP B 134 -21.47 20.20 1.42
N SER B 135 -20.53 19.68 0.64
N SER B 135 -20.48 19.67 0.71
CA SER B 135 -19.45 20.45 0.06
CA SER B 135 -19.40 20.45 0.11
C SER B 135 -19.92 21.34 -1.05
C SER B 135 -19.90 21.32 -1.03
N GLY B 136 -19.03 22.24 -1.45
CA GLY B 136 -19.29 23.07 -2.62
C GLY B 136 -18.07 23.86 -3.04
N SER B 137 -18.24 25.18 -3.12
CA SER B 137 -17.21 26.08 -3.61
C SER B 137 -17.55 27.48 -3.11
N ALA B 138 -16.63 28.43 -3.36
CA ALA B 138 -16.90 29.78 -2.91
C ALA B 138 -16.14 30.75 -3.79
N THR B 139 -16.83 31.75 -4.32
CA THR B 139 -16.17 32.70 -5.19
C THR B 139 -16.15 34.11 -4.60
N PHE B 140 -15.15 34.88 -5.00
CA PHE B 140 -14.92 36.24 -4.57
C PHE B 140 -15.39 37.14 -5.70
N THR B 141 -16.56 37.79 -5.54
CA THR B 141 -17.20 38.38 -6.71
C THR B 141 -16.51 39.69 -7.06
N SER B 142 -16.72 40.13 -8.32
CA SER B 142 -16.15 41.40 -8.76
C SER B 142 -16.50 42.59 -7.85
N ASP B 143 -17.57 42.54 -7.05
CA ASP B 143 -17.79 43.66 -6.12
C ASP B 143 -17.47 43.27 -4.68
N GLY B 144 -16.56 42.33 -4.49
CA GLY B 144 -15.98 42.20 -3.19
C GLY B 144 -16.73 41.34 -2.23
N LYS B 145 -17.69 40.55 -2.71
CA LYS B 145 -18.53 39.74 -1.83
C LYS B 145 -18.05 38.29 -1.81
N ILE B 146 -18.45 37.57 -0.78
CA ILE B 146 -18.14 36.17 -0.65
C ILE B 146 -19.40 35.37 -1.00
N ARG B 147 -19.32 34.65 -2.10
CA ARG B 147 -20.48 33.97 -2.67
C ARG B 147 -20.22 32.48 -2.54
N LEU B 148 -20.97 31.83 -1.64
CA LEU B 148 -20.84 30.43 -1.29
C LEU B 148 -21.81 29.56 -2.08
N PHE B 149 -21.38 28.38 -2.46
CA PHE B 149 -22.23 27.32 -3.00
C PHE B 149 -21.94 26.07 -2.20
N TYR B 150 -22.99 25.31 -1.91
CA TYR B 150 -22.80 24.12 -1.10
C TYR B 150 -24.00 23.22 -1.34
N THR B 151 -23.95 22.07 -0.72
CA THR B 151 -24.97 21.05 -0.94
C THR B 151 -25.92 20.97 0.25
N ASP B 152 -27.18 21.28 0.05
CA ASP B 152 -28.18 21.05 1.10
C ASP B 152 -28.59 19.59 1.04
N PHE B 153 -28.29 18.84 2.11
CA PHE B 153 -28.62 17.45 2.26
C PHE B 153 -29.78 17.28 3.22
N SER B 154 -30.77 16.49 2.84
CA SER B 154 -31.94 16.26 3.69
C SER B 154 -32.13 14.78 4.00
N GLY B 155 -31.73 14.35 5.20
CA GLY B 155 -32.02 12.97 5.63
C GLY B 155 -33.48 12.73 5.99
N LYS B 156 -34.27 13.79 6.03
CA LYS B 156 -35.70 13.70 6.12
C LYS B 156 -36.35 13.27 4.83
N HIS B 157 -35.63 13.40 3.74
N HIS B 157 -35.75 13.62 3.69
CA HIS B 157 -36.22 13.31 2.41
CA HIS B 157 -36.32 13.30 2.38
C HIS B 157 -35.40 12.34 1.58
C HIS B 157 -35.43 12.32 1.61
N TYR B 158 -35.10 11.18 2.24
CA TYR B 158 -34.32 10.09 1.62
C TYR B 158 -33.00 10.56 0.97
N GLY B 159 -32.33 11.51 1.61
CA GLY B 159 -31.06 11.92 1.06
C GLY B 159 -31.12 12.91 -0.08
N LYS B 160 -32.18 13.73 -0.16
CA LYS B 160 -32.21 14.74 -1.22
C LYS B 160 -31.01 15.68 -1.08
N GLN B 161 -30.47 16.10 -2.22
CA GLN B 161 -29.33 16.99 -2.28
C GLN B 161 -29.64 18.08 -3.27
N THR B 162 -29.46 19.33 -2.83
CA THR B 162 -29.88 20.46 -3.61
C THR B 162 -28.72 21.42 -3.65
N LEU B 163 -28.33 21.82 -4.86
CA LEU B 163 -27.33 22.88 -5.01
C LEU B 163 -27.88 24.19 -4.46
N THR B 164 -27.12 24.85 -3.61
CA THR B 164 -27.66 25.94 -2.81
C THR B 164 -26.62 27.05 -2.82
N THR B 165 -27.07 28.30 -2.59
CA THR B 165 -26.12 29.41 -2.57
C THR B 165 -26.53 30.38 -1.47
N ALA B 166 -25.55 31.14 -0.98
CA ALA B 166 -25.80 32.29 -0.12
C ALA B 166 -24.60 33.21 -0.21
N GLN B 167 -24.84 34.48 0.08
CA GLN B 167 -23.77 35.45 0.26
C GLN B 167 -23.40 35.46 1.74
N VAL B 168 -22.12 35.33 2.03
CA VAL B 168 -21.67 35.29 3.42
C VAL B 168 -21.13 36.68 3.73
N ASN B 169 -21.73 37.31 4.74
CA ASN B 169 -21.41 38.70 5.09
C ASN B 169 -20.32 38.75 6.16
N VAL B 170 -19.13 39.21 5.78
CA VAL B 170 -17.95 39.01 6.62
C VAL B 170 -17.29 40.36 6.86
N SER B 171 -17.11 40.73 8.11
CA SER B 171 -16.42 41.97 8.41
C SER B 171 -14.99 41.67 8.81
N ALA B 172 -14.07 42.44 8.26
CA ALA B 172 -12.66 42.38 8.62
C ALA B 172 -12.42 43.32 9.80
N SER B 173 -12.39 42.77 11.00
CA SER B 173 -11.77 43.51 12.08
C SER B 173 -10.28 43.55 11.81
N ASP B 174 -9.56 44.39 12.58
CA ASP B 174 -8.12 44.49 12.41
C ASP B 174 -7.45 43.53 13.40
N SER B 175 -7.43 42.26 13.00
CA SER B 175 -6.88 41.10 13.70
C SER B 175 -7.51 39.86 13.08
N SER B 176 -8.84 39.75 13.14
CA SER B 176 -9.59 38.56 12.79
C SER B 176 -10.74 38.89 11.84
N LEU B 177 -11.40 37.85 11.33
CA LEU B 177 -12.56 37.98 10.45
C LEU B 177 -13.82 37.65 11.23
N ASN B 178 -14.92 38.34 10.92
CA ASN B 178 -16.15 38.06 11.63
C ASN B 178 -17.28 37.74 10.66
N ILE B 179 -17.94 36.61 10.89
CA ILE B 179 -19.11 36.23 10.11
C ILE B 179 -20.31 36.97 10.69
N ASN B 180 -20.79 37.99 9.97
CA ASN B 180 -21.94 38.75 10.46
C ASN B 180 -23.26 38.07 10.16
N GLY B 181 -23.39 37.48 8.97
CA GLY B 181 -24.60 36.76 8.65
C GLY B 181 -24.56 36.36 7.19
N VAL B 182 -25.70 35.89 6.69
CA VAL B 182 -25.87 35.52 5.29
C VAL B 182 -27.10 36.21 4.72
N GLU B 183 -27.11 36.38 3.40
CA GLU B 183 -28.27 36.84 2.67
C GLU B 183 -28.35 36.13 1.31
N ASP B 184 -29.44 36.38 0.57
CA ASP B 184 -29.61 35.81 -0.78
C ASP B 184 -29.41 34.30 -0.72
N TYR B 185 -29.94 33.70 0.34
CA TYR B 185 -29.79 32.29 0.69
C TYR B 185 -30.89 31.45 0.02
N LYS B 186 -30.53 30.54 -0.89
CA LYS B 186 -31.60 29.98 -1.70
C LYS B 186 -31.12 28.71 -2.39
N SER B 187 -32.06 27.81 -2.65
CA SER B 187 -31.87 26.64 -3.49
C SER B 187 -31.72 27.04 -4.95
N ILE B 188 -30.83 26.38 -5.65
CA ILE B 188 -30.63 26.62 -7.07
C ILE B 188 -31.12 25.46 -7.93
N PHE B 189 -30.76 24.21 -7.58
CA PHE B 189 -31.04 23.12 -8.50
C PHE B 189 -31.17 21.82 -7.77
N ASP B 190 -32.24 21.06 -8.05
CA ASP B 190 -32.39 19.79 -7.37
C ASP B 190 -32.58 18.62 -8.37
N GLY B 191 -32.16 18.79 -9.63
CA GLY B 191 -32.19 17.73 -10.65
C GLY B 191 -33.49 17.75 -11.46
N ASP B 192 -33.40 17.63 -12.77
CA ASP B 192 -34.60 17.83 -13.58
C ASP B 192 -35.20 16.52 -14.08
N GLY B 193 -34.59 15.38 -13.75
CA GLY B 193 -35.07 14.06 -14.14
C GLY B 193 -34.66 13.56 -15.53
N LYS B 194 -34.56 14.47 -16.49
CA LYS B 194 -34.20 14.19 -17.88
C LYS B 194 -32.71 14.29 -18.12
N THR B 195 -32.08 15.29 -17.50
CA THR B 195 -30.66 15.54 -17.68
C THR B 195 -29.85 15.10 -16.49
N TYR B 196 -30.40 15.30 -15.30
CA TYR B 196 -29.77 14.86 -14.05
C TYR B 196 -30.82 14.21 -13.19
N GLN B 197 -30.49 13.09 -12.56
CA GLN B 197 -31.47 12.37 -11.72
C GLN B 197 -31.95 13.28 -10.58
N ASN B 198 -33.27 13.20 -10.28
CA ASN B 198 -33.89 13.88 -9.13
C ASN B 198 -34.04 12.89 -7.99
N VAL B 199 -34.14 13.41 -6.76
CA VAL B 199 -34.30 12.45 -5.65
C VAL B 199 -35.60 11.64 -5.79
N GLN B 200 -36.64 12.19 -6.43
CA GLN B 200 -37.92 11.46 -6.57
C GLN B 200 -37.76 10.17 -7.37
N GLN B 201 -36.88 10.16 -8.37
CA GLN B 201 -36.54 8.87 -9.01
C GLN B 201 -35.90 7.94 -8.01
N PHE B 202 -35.00 8.46 -7.17
CA PHE B 202 -34.35 7.61 -6.17
C PHE B 202 -35.40 7.03 -5.23
N ILE B 203 -36.34 7.86 -4.76
CA ILE B 203 -37.33 7.37 -3.80
C ILE B 203 -38.19 6.29 -4.45
N ASP B 204 -38.77 6.58 -5.61
CA ASP B 204 -39.80 5.67 -6.12
C ASP B 204 -39.23 4.38 -6.64
N GLU B 205 -37.94 4.33 -6.99
CA GLU B 205 -37.38 3.06 -7.42
C GLU B 205 -37.03 2.19 -6.24
N GLY B 206 -37.11 2.71 -5.01
CA GLY B 206 -36.91 1.80 -3.89
C GLY B 206 -35.76 2.28 -3.02
N ASN B 207 -35.26 3.45 -3.38
CA ASN B 207 -34.30 4.19 -2.58
C ASN B 207 -33.25 3.27 -2.02
N TYR B 208 -33.07 3.23 -0.70
CA TYR B 208 -31.90 2.55 -0.15
C TYR B 208 -31.92 1.04 -0.38
N SER B 209 -33.09 0.44 -0.57
CA SER B 209 -33.11 -0.98 -0.90
C SER B 209 -32.89 -1.25 -2.40
N SER B 210 -32.77 -0.23 -3.22
CA SER B 210 -32.54 -0.49 -4.62
C SER B 210 -31.05 -0.71 -4.95
N GLY B 211 -30.14 -0.30 -4.10
CA GLY B 211 -28.73 -0.33 -4.48
C GLY B 211 -28.28 0.87 -5.28
N ASP B 212 -29.20 1.72 -5.71
CA ASP B 212 -28.85 2.95 -6.41
C ASP B 212 -28.19 3.95 -5.46
N ASN B 213 -27.43 4.86 -6.04
CA ASN B 213 -26.68 5.84 -5.25
C ASN B 213 -26.97 7.20 -5.89
N HIS B 214 -27.89 7.96 -5.31
CA HIS B 214 -28.32 9.26 -5.79
C HIS B 214 -27.41 10.37 -5.28
N THR B 215 -26.97 11.23 -6.19
CA THR B 215 -26.05 12.31 -5.84
C THR B 215 -26.40 13.58 -6.62
N LEU B 216 -26.14 14.71 -5.98
CA LEU B 216 -26.39 15.98 -6.61
C LEU B 216 -25.67 17.00 -5.74
N ARG B 217 -24.37 17.20 -5.96
CA ARG B 217 -23.64 17.84 -4.89
C ARG B 217 -22.32 18.39 -5.37
N ASP B 218 -21.57 18.91 -4.40
CA ASP B 218 -20.25 19.49 -4.61
C ASP B 218 -20.23 20.49 -5.77
N PRO B 219 -21.10 21.49 -5.77
CA PRO B 219 -21.11 22.49 -6.87
C PRO B 219 -19.82 23.29 -6.88
N HIS B 220 -19.20 23.37 -8.06
CA HIS B 220 -17.98 24.17 -8.28
C HIS B 220 -18.27 25.32 -9.23
N TYR B 221 -18.12 26.54 -8.71
CA TYR B 221 -18.28 27.77 -9.48
C TYR B 221 -17.12 27.99 -10.43
N VAL B 222 -17.45 28.31 -11.67
CA VAL B 222 -16.43 28.61 -12.68
C VAL B 222 -17.00 29.66 -13.63
N GLU B 223 -16.14 30.58 -14.10
CA GLU B 223 -16.57 31.56 -15.11
C GLU B 223 -15.85 31.40 -16.46
N ASP B 224 -16.55 31.79 -17.55
CA ASP B 224 -15.97 31.80 -18.89
C ASP B 224 -16.56 32.96 -19.70
N LYS B 225 -15.72 33.95 -19.98
CA LYS B 225 -16.07 35.15 -20.75
C LYS B 225 -17.42 35.76 -20.34
N GLY B 226 -17.53 36.07 -19.05
CA GLY B 226 -18.75 36.63 -18.53
C GLY B 226 -19.79 35.61 -18.07
N HIS B 227 -19.80 34.42 -18.65
CA HIS B 227 -20.82 33.43 -18.26
C HIS B 227 -20.47 32.76 -16.95
N LYS B 228 -21.49 32.54 -16.13
CA LYS B 228 -21.36 31.96 -14.80
C LYS B 228 -21.95 30.56 -14.77
N TYR B 229 -21.18 29.59 -14.28
CA TYR B 229 -21.64 28.20 -14.25
C TYR B 229 -21.34 27.52 -12.91
N LEU B 230 -22.10 26.46 -12.63
CA LEU B 230 -21.74 25.47 -11.62
C LEU B 230 -21.48 24.14 -12.32
N VAL B 231 -20.37 23.50 -11.95
CA VAL B 231 -20.08 22.13 -12.35
C VAL B 231 -20.12 21.28 -11.07
N PHE B 232 -20.74 20.11 -11.16
CA PHE B 232 -21.14 19.42 -9.92
C PHE B 232 -21.24 17.92 -10.14
N GLU B 233 -21.13 17.20 -9.01
CA GLU B 233 -21.40 15.77 -9.03
C GLU B 233 -22.90 15.51 -9.20
N ALA B 234 -23.26 14.62 -10.12
CA ALA B 234 -24.64 14.24 -10.28
C ALA B 234 -24.70 12.82 -10.83
N ASN B 235 -25.90 12.44 -11.26
CA ASN B 235 -26.13 11.22 -12.00
C ASN B 235 -26.94 11.60 -13.24
N THR B 236 -26.74 10.87 -14.33
CA THR B 236 -27.53 11.12 -15.53
C THR B 236 -29.04 10.95 -15.29
N GLY B 237 -29.81 11.58 -16.19
CA GLY B 237 -31.24 11.46 -16.21
C GLY B 237 -31.73 10.59 -17.37
N THR B 238 -33.05 10.65 -17.61
CA THR B 238 -33.65 9.71 -18.57
C THR B 238 -33.23 10.01 -20.00
N GLU B 239 -32.77 11.22 -20.30
CA GLU B 239 -32.54 11.54 -21.70
C GLU B 239 -31.10 11.70 -22.11
N ASP B 240 -30.13 11.49 -21.21
CA ASP B 240 -28.71 11.56 -21.61
C ASP B 240 -27.96 10.30 -21.19
N GLY B 241 -28.64 9.12 -21.26
CA GLY B 241 -28.00 7.85 -20.97
C GLY B 241 -28.24 7.40 -19.53
N TYR B 242 -29.45 6.92 -19.26
CA TYR B 242 -29.88 6.61 -17.89
C TYR B 242 -29.26 5.29 -17.46
N GLN B 243 -29.24 5.06 -16.13
CA GLN B 243 -28.90 3.75 -15.62
C GLN B 243 -29.90 2.73 -16.16
N GLY B 244 -29.54 1.46 -16.01
CA GLY B 244 -30.46 0.36 -16.30
C GLY B 244 -29.81 -0.73 -17.16
N GLU B 245 -30.54 -1.80 -17.32
CA GLU B 245 -30.02 -2.93 -18.09
C GLU B 245 -29.63 -2.53 -19.51
N GLU B 246 -30.40 -1.65 -20.14
CA GLU B 246 -30.13 -1.29 -21.53
C GLU B 246 -28.79 -0.60 -21.69
N SER B 247 -28.30 0.04 -20.62
CA SER B 247 -27.06 0.83 -20.70
C SER B 247 -25.83 -0.04 -20.90
N LEU B 248 -25.94 -1.34 -20.66
CA LEU B 248 -24.80 -2.23 -20.86
C LEU B 248 -24.53 -2.46 -22.35
N PHE B 249 -25.48 -2.10 -23.19
CA PHE B 249 -25.36 -2.32 -24.64
C PHE B 249 -24.89 -1.08 -25.37
N ASN B 250 -24.50 -0.05 -24.65
CA ASN B 250 -24.03 1.19 -25.29
C ASN B 250 -22.52 1.11 -25.38
N LYS B 251 -22.01 0.87 -26.59
CA LYS B 251 -20.56 0.81 -26.80
C LYS B 251 -19.83 2.06 -26.33
N ALA B 252 -20.50 3.22 -26.31
CA ALA B 252 -19.81 4.43 -25.87
C ALA B 252 -19.27 4.32 -24.45
N TYR B 253 -19.76 3.38 -23.61
CA TYR B 253 -19.30 3.30 -22.24
C TYR B 253 -18.11 2.37 -22.12
N TYR B 254 -17.77 1.68 -23.21
CA TYR B 254 -16.71 0.69 -23.21
C TYR B 254 -15.43 1.21 -23.89
N GLY B 255 -15.54 1.79 -25.09
CA GLY B 255 -14.38 2.23 -25.85
C GLY B 255 -14.61 1.94 -27.31
N LYS B 256 -13.56 2.18 -28.12
CA LYS B 256 -13.77 2.13 -29.57
C LYS B 256 -13.71 0.73 -30.15
N SER B 257 -13.36 -0.29 -29.40
CA SER B 257 -13.17 -1.61 -29.99
C SER B 257 -14.44 -2.47 -29.90
N THR B 258 -14.99 -2.86 -31.07
CA THR B 258 -16.13 -3.77 -31.06
C THR B 258 -15.78 -5.08 -30.39
N SER B 259 -14.54 -5.54 -30.57
CA SER B 259 -14.13 -6.78 -29.94
C SER B 259 -13.93 -6.59 -28.43
N PHE B 260 -13.34 -5.49 -27.99
CA PHE B 260 -13.38 -5.20 -26.56
C PHE B 260 -14.82 -5.21 -26.04
N PHE B 261 -15.72 -4.57 -26.77
CA PHE B 261 -17.11 -4.45 -26.32
C PHE B 261 -17.74 -5.82 -26.12
N ARG B 262 -17.69 -6.69 -27.14
CA ARG B 262 -18.42 -7.96 -27.01
C ARG B 262 -17.83 -8.78 -25.87
N GLN B 263 -16.52 -8.71 -25.71
CA GLN B 263 -15.89 -9.46 -24.63
C GLN B 263 -16.31 -8.92 -23.27
N GLU B 264 -16.12 -7.61 -23.05
CA GLU B 264 -16.34 -7.01 -21.74
C GLU B 264 -17.83 -7.02 -21.40
N SER B 265 -18.69 -6.71 -22.38
CA SER B 265 -20.13 -6.75 -22.09
C SER B 265 -20.57 -8.16 -21.70
N GLN B 266 -20.11 -9.18 -22.44
CA GLN B 266 -20.36 -10.57 -22.05
C GLN B 266 -19.91 -10.85 -20.63
N LYS B 267 -18.67 -10.47 -20.32
CA LYS B 267 -18.20 -10.61 -18.95
C LYS B 267 -19.11 -9.89 -17.97
N LEU B 268 -19.45 -8.65 -18.28
CA LEU B 268 -20.29 -7.89 -17.37
C LEU B 268 -21.62 -8.59 -17.17
N LEU B 269 -22.27 -9.00 -18.26
CA LEU B 269 -23.59 -9.60 -18.14
C LEU B 269 -23.61 -10.88 -17.31
N GLN B 270 -22.48 -11.56 -17.17
CA GLN B 270 -22.37 -12.80 -16.40
C GLN B 270 -21.87 -12.56 -14.99
N SER B 271 -21.59 -11.31 -14.66
CA SER B 271 -20.83 -10.94 -13.49
C SER B 271 -21.73 -10.71 -12.28
N ASP B 272 -21.14 -10.87 -11.08
CA ASP B 272 -21.86 -10.48 -9.87
C ASP B 272 -22.06 -8.98 -9.76
N LYS B 273 -21.29 -8.19 -10.49
CA LYS B 273 -21.43 -6.75 -10.44
C LYS B 273 -22.34 -6.22 -11.52
N LYS B 274 -23.10 -7.09 -12.20
CA LYS B 274 -23.96 -6.67 -13.31
C LYS B 274 -24.88 -5.53 -12.89
N ARG B 275 -25.57 -5.71 -11.77
CA ARG B 275 -26.58 -4.75 -11.35
C ARG B 275 -25.94 -3.47 -10.85
N THR B 276 -24.81 -3.58 -10.12
CA THR B 276 -24.04 -2.42 -9.72
C THR B 276 -23.64 -1.60 -10.93
N ALA B 277 -23.25 -2.28 -12.03
CA ALA B 277 -22.85 -1.61 -13.23
C ALA B 277 -24.06 -1.01 -13.92
N GLU B 278 -25.16 -1.74 -13.94
CA GLU B 278 -26.36 -1.18 -14.54
C GLU B 278 -26.79 0.08 -13.80
N LEU B 279 -26.64 0.07 -12.46
CA LEU B 279 -27.07 1.23 -11.69
C LEU B 279 -26.09 2.39 -11.80
N ALA B 280 -24.86 2.13 -12.17
CA ALA B 280 -23.85 3.19 -12.17
C ALA B 280 -24.10 4.15 -13.32
N ASN B 281 -24.39 5.41 -13.00
CA ASN B 281 -24.50 6.43 -14.05
C ASN B 281 -24.08 7.79 -13.50
N GLY B 282 -22.94 7.84 -12.84
CA GLY B 282 -22.43 9.10 -12.35
C GLY B 282 -22.20 10.10 -13.47
N ALA B 283 -22.16 11.38 -13.10
CA ALA B 283 -21.93 12.43 -14.12
C ALA B 283 -21.32 13.64 -13.45
N LEU B 284 -20.55 14.38 -14.22
CA LEU B 284 -20.13 15.70 -13.81
C LEU B 284 -21.06 16.63 -14.57
N GLY B 285 -22.02 17.26 -13.86
CA GLY B 285 -23.01 18.06 -14.53
C GLY B 285 -22.63 19.53 -14.61
N MET B 286 -23.39 20.27 -15.43
CA MET B 286 -23.15 21.70 -15.55
C MET B 286 -24.48 22.41 -15.69
N ILE B 287 -24.61 23.55 -15.02
CA ILE B 287 -25.74 24.46 -15.23
C ILE B 287 -25.21 25.88 -15.33
N GLU B 288 -25.88 26.72 -16.13
CA GLU B 288 -25.46 28.11 -16.20
C GLU B 288 -26.28 28.93 -15.22
N LEU B 289 -25.64 29.87 -14.51
CA LEU B 289 -26.32 30.76 -13.58
C LEU B 289 -26.58 32.14 -14.22
N ASN B 290 -27.67 32.77 -13.80
CA ASN B 290 -27.85 34.19 -14.00
C ASN B 290 -26.91 34.95 -13.08
N ASP B 291 -26.80 36.26 -13.30
CA ASP B 291 -25.92 37.04 -12.45
C ASP B 291 -26.41 37.19 -11.02
N ASP B 292 -27.65 36.84 -10.73
CA ASP B 292 -28.08 36.75 -9.33
C ASP B 292 -27.94 35.33 -8.78
N TYR B 293 -27.17 34.44 -9.45
CA TYR B 293 -26.90 33.08 -9.00
C TYR B 293 -28.15 32.20 -8.98
N THR B 294 -29.21 32.59 -9.69
CA THR B 294 -30.31 31.68 -9.94
C THR B 294 -29.99 30.83 -11.17
N LEU B 295 -30.80 29.79 -11.35
CA LEU B 295 -30.66 28.91 -12.51
C LEU B 295 -31.01 29.64 -13.79
N LYS B 296 -30.10 29.68 -14.77
CA LYS B 296 -30.43 30.19 -16.09
C LYS B 296 -30.74 29.05 -17.03
N LYS B 297 -29.92 28.00 -17.05
CA LYS B 297 -30.32 26.86 -17.86
C LYS B 297 -29.52 25.62 -17.47
N VAL B 298 -30.16 24.50 -17.72
CA VAL B 298 -29.62 23.18 -17.40
C VAL B 298 -28.87 22.74 -18.64
N MET B 299 -27.63 22.29 -18.48
CA MET B 299 -26.80 21.94 -19.64
C MET B 299 -26.46 20.47 -19.53
N LYS B 300 -26.13 19.89 -20.65
CA LYS B 300 -25.76 18.47 -20.59
C LYS B 300 -24.44 18.27 -19.83
N PRO B 301 -24.22 17.06 -19.30
CA PRO B 301 -23.04 16.78 -18.50
C PRO B 301 -21.78 16.99 -19.33
N LEU B 302 -20.72 17.43 -18.66
CA LEU B 302 -19.40 17.39 -19.29
C LEU B 302 -18.94 15.95 -19.45
N ILE B 303 -19.21 15.09 -18.46
CA ILE B 303 -18.75 13.71 -18.57
C ILE B 303 -19.61 12.79 -17.71
N ALA B 304 -19.71 11.54 -18.12
CA ALA B 304 -20.50 10.55 -17.40
C ALA B 304 -19.65 9.30 -17.21
N SER B 305 -20.07 8.49 -16.23
CA SER B 305 -19.32 7.28 -15.85
C SER B 305 -20.24 6.04 -15.88
N ASN B 306 -21.24 5.99 -16.77
CA ASN B 306 -22.13 4.81 -16.88
C ASN B 306 -21.35 3.51 -16.84
N THR B 307 -21.87 2.55 -16.08
CA THR B 307 -21.36 1.19 -15.79
C THR B 307 -20.11 1.17 -14.92
N VAL B 308 -19.37 2.28 -14.83
CA VAL B 308 -18.13 2.32 -14.07
C VAL B 308 -18.40 2.63 -12.61
N THR B 309 -19.12 3.73 -12.32
CA THR B 309 -19.42 4.06 -10.93
C THR B 309 -20.59 5.02 -10.90
N ASP B 310 -21.32 5.00 -9.80
CA ASP B 310 -22.38 5.96 -9.53
C ASP B 310 -21.85 7.22 -8.87
N GLU B 311 -20.57 7.27 -8.55
CA GLU B 311 -20.10 8.31 -7.64
C GLU B 311 -18.78 8.92 -8.12
N ILE B 312 -18.87 10.07 -8.78
CA ILE B 312 -17.69 10.85 -9.12
C ILE B 312 -17.89 12.20 -8.43
N ALA B 313 -17.07 12.47 -7.42
CA ALA B 313 -17.25 13.51 -6.41
C ALA B 313 -16.32 14.70 -6.65
N ARG B 314 -16.58 15.77 -5.90
N ARG B 314 -16.63 15.79 -5.95
CA ARG B 314 -15.70 16.94 -5.81
CA ARG B 314 -15.72 16.92 -5.82
C ARG B 314 -15.32 17.46 -7.19
C ARG B 314 -15.33 17.48 -7.18
N ALA B 315 -16.34 17.67 -8.02
CA ALA B 315 -16.10 18.20 -9.36
C ALA B 315 -15.28 19.47 -9.26
N ASN B 316 -14.37 19.63 -10.22
CA ASN B 316 -13.51 20.80 -10.17
C ASN B 316 -13.07 21.11 -11.59
N VAL B 317 -13.07 22.39 -11.96
CA VAL B 317 -12.72 22.69 -13.34
C VAL B 317 -12.13 24.09 -13.42
N PHE B 318 -11.08 24.26 -14.22
CA PHE B 318 -10.44 25.57 -14.31
C PHE B 318 -9.64 25.61 -15.59
N LYS B 319 -9.35 26.82 -16.04
CA LYS B 319 -8.58 27.02 -17.26
C LYS B 319 -7.14 27.30 -16.88
N MET B 320 -6.22 26.65 -17.57
N MET B 320 -6.22 26.64 -17.55
CA MET B 320 -4.83 26.83 -17.19
CA MET B 320 -4.82 26.83 -17.19
C MET B 320 -3.97 26.66 -18.43
C MET B 320 -3.97 26.66 -18.43
N ASN B 321 -3.18 27.69 -18.75
CA ASN B 321 -2.26 27.64 -19.87
C ASN B 321 -3.00 27.34 -21.15
N GLY B 322 -4.19 27.94 -21.27
CA GLY B 322 -5.04 27.86 -22.44
C GLY B 322 -5.81 26.56 -22.61
N LYS B 323 -5.79 25.66 -21.63
CA LYS B 323 -6.66 24.49 -21.66
C LYS B 323 -7.56 24.46 -20.43
N TRP B 324 -8.64 23.69 -20.54
CA TRP B 324 -9.58 23.47 -19.45
C TRP B 324 -9.32 22.11 -18.81
N TYR B 325 -9.21 22.08 -17.50
CA TYR B 325 -8.92 20.82 -16.84
C TYR B 325 -10.06 20.48 -15.89
N LEU B 326 -10.51 19.24 -15.95
CA LEU B 326 -11.72 18.84 -15.22
C LEU B 326 -11.34 17.67 -14.37
N PHE B 327 -11.53 17.78 -13.06
CA PHE B 327 -11.17 16.67 -12.15
C PHE B 327 -12.35 16.20 -11.30
N THR B 328 -12.25 14.94 -10.85
CA THR B 328 -13.22 14.34 -9.94
C THR B 328 -12.55 13.28 -9.07
N ASP B 329 -13.06 13.07 -7.86
CA ASP B 329 -12.51 12.06 -6.97
C ASP B 329 -13.41 10.83 -6.98
N SER B 330 -12.80 9.67 -6.80
CA SER B 330 -13.65 8.49 -6.94
C SER B 330 -13.08 7.31 -6.16
N ARG B 331 -13.96 6.62 -5.43
CA ARG B 331 -13.53 5.45 -4.66
C ARG B 331 -13.55 4.19 -5.50
N GLY B 332 -12.45 3.44 -5.45
CA GLY B 332 -12.45 2.14 -6.08
C GLY B 332 -13.51 1.20 -5.54
N SER B 333 -13.90 1.36 -4.27
CA SER B 333 -14.92 0.47 -3.67
C SER B 333 -16.27 0.60 -4.34
N LYS B 334 -16.56 1.72 -5.01
CA LYS B 334 -17.85 1.80 -5.75
C LYS B 334 -17.70 1.59 -7.26
N MET B 335 -16.54 1.16 -7.75
CA MET B 335 -16.39 0.93 -9.18
C MET B 335 -16.57 -0.55 -9.52
N THR B 336 -16.73 -0.84 -10.81
CA THR B 336 -17.01 -2.21 -11.24
C THR B 336 -15.86 -2.73 -12.10
N ILE B 337 -14.65 -2.22 -11.86
CA ILE B 337 -13.53 -2.45 -12.79
C ILE B 337 -12.60 -3.50 -12.20
N ASP B 338 -12.39 -4.59 -12.94
CA ASP B 338 -11.45 -5.60 -12.49
C ASP B 338 -10.08 -5.03 -12.20
N GLY B 339 -9.53 -5.45 -11.09
CA GLY B 339 -8.20 -5.02 -10.69
C GLY B 339 -8.20 -3.74 -9.92
N ILE B 340 -9.30 -3.02 -9.88
CA ILE B 340 -9.38 -1.87 -9.01
C ILE B 340 -9.99 -2.36 -7.70
N THR B 341 -9.36 -2.04 -6.57
CA THR B 341 -9.76 -2.62 -5.29
C THR B 341 -10.42 -1.58 -4.41
N SER B 342 -11.03 -2.06 -3.31
CA SER B 342 -11.76 -1.17 -2.41
C SER B 342 -10.84 -0.29 -1.60
N ASN B 343 -9.53 -0.54 -1.61
CA ASN B 343 -8.54 0.35 -1.02
C ASN B 343 -8.17 1.51 -1.94
N ASP B 344 -8.41 1.38 -3.25
CA ASP B 344 -7.99 2.38 -4.23
C ASP B 344 -8.89 3.60 -4.22
N ILE B 345 -8.27 4.75 -4.16
CA ILE B 345 -8.99 6.02 -4.17
C ILE B 345 -8.26 6.88 -5.17
N TYR B 346 -9.02 7.58 -6.02
CA TYR B 346 -8.43 8.30 -7.14
C TYR B 346 -8.83 9.75 -7.17
N MET B 347 -8.00 10.55 -7.83
CA MET B 347 -8.46 11.73 -8.55
C MET B 347 -8.27 11.42 -10.03
N LEU B 348 -9.34 11.54 -10.79
CA LEU B 348 -9.32 11.44 -12.24
C LEU B 348 -9.37 12.83 -12.88
N GLY B 349 -8.90 12.92 -14.11
CA GLY B 349 -8.80 14.23 -14.77
C GLY B 349 -8.88 14.17 -16.28
N TYR B 350 -9.38 15.27 -16.85
CA TYR B 350 -9.77 15.37 -18.25
C TYR B 350 -9.38 16.76 -18.71
N VAL B 351 -9.24 16.94 -20.02
CA VAL B 351 -8.77 18.21 -20.54
C VAL B 351 -9.55 18.50 -21.80
N SER B 352 -9.81 19.76 -22.05
CA SER B 352 -10.45 20.15 -23.29
C SER B 352 -9.90 21.50 -23.75
N ASN B 353 -10.17 21.85 -25.02
CA ASN B 353 -9.97 23.23 -25.46
C ASN B 353 -11.11 24.17 -25.09
N SER B 354 -12.21 23.68 -24.50
CA SER B 354 -13.29 24.55 -24.09
C SER B 354 -13.90 24.08 -22.79
N LEU B 355 -14.44 25.02 -22.03
CA LEU B 355 -15.16 24.65 -20.81
C LEU B 355 -16.18 23.56 -21.10
N THR B 356 -16.84 23.65 -22.26
CA THR B 356 -17.95 22.76 -22.52
C THR B 356 -17.55 21.52 -23.27
N GLY B 357 -16.24 21.26 -23.39
CA GLY B 357 -15.71 20.04 -23.96
C GLY B 357 -15.62 20.06 -25.48
N PRO B 358 -15.42 18.90 -26.10
CA PRO B 358 -15.28 17.54 -25.54
C PRO B 358 -14.01 17.35 -24.67
N TYR B 359 -14.08 16.46 -23.70
CA TYR B 359 -12.99 16.32 -22.73
C TYR B 359 -12.29 15.01 -23.01
N LYS B 360 -10.97 15.01 -22.92
CA LYS B 360 -10.20 13.81 -23.19
C LYS B 360 -9.47 13.40 -21.92
N PRO B 361 -9.22 12.10 -21.74
CA PRO B 361 -8.61 11.63 -20.48
C PRO B 361 -7.17 12.12 -20.36
N LEU B 362 -6.80 12.61 -19.18
CA LEU B 362 -5.39 12.93 -18.93
C LEU B 362 -4.60 11.64 -18.77
N ASN B 363 -3.32 11.68 -19.21
CA ASN B 363 -2.46 10.48 -19.09
C ASN B 363 -3.13 9.25 -19.67
N LYS B 364 -3.89 9.48 -20.74
CA LYS B 364 -4.57 8.44 -21.54
C LYS B 364 -5.79 7.82 -20.86
N THR B 365 -5.70 7.58 -19.56
CA THR B 365 -6.75 6.83 -18.86
C THR B 365 -7.67 7.70 -18.04
N GLY B 366 -7.25 8.93 -17.68
CA GLY B 366 -7.91 9.74 -16.70
C GLY B 366 -7.25 9.69 -15.33
N LEU B 367 -6.40 8.69 -15.07
CA LEU B 367 -5.65 8.61 -13.83
C LEU B 367 -4.81 9.86 -13.63
N VAL B 368 -4.99 10.50 -12.48
CA VAL B 368 -4.13 11.62 -12.09
C VAL B 368 -3.49 11.35 -10.74
N LEU B 369 -4.28 10.93 -9.74
CA LEU B 369 -3.77 10.57 -8.42
C LEU B 369 -4.35 9.25 -8.03
N LYS B 370 -3.50 8.42 -7.41
CA LYS B 370 -3.94 7.20 -6.72
C LYS B 370 -3.46 7.26 -5.27
N MET B 371 -4.36 6.96 -4.35
CA MET B 371 -4.09 6.84 -2.93
C MET B 371 -4.63 5.47 -2.53
N ASP B 372 -3.79 4.61 -1.92
CA ASP B 372 -4.36 3.32 -1.54
C ASP B 372 -3.95 2.90 -0.14
N LEU B 373 -3.65 3.88 0.72
CA LEU B 373 -3.31 3.59 2.11
C LEU B 373 -4.48 2.93 2.82
N ASP B 374 -4.15 2.08 3.75
CA ASP B 374 -5.15 1.51 4.63
C ASP B 374 -6.03 2.62 5.18
N PRO B 375 -7.31 2.37 5.39
CA PRO B 375 -8.18 3.39 6.02
C PRO B 375 -7.77 3.75 7.46
N ASN B 376 -6.94 2.94 8.12
CA ASN B 376 -6.46 3.23 9.46
C ASN B 376 -5.22 4.10 9.46
N ASP B 377 -4.54 4.19 8.33
CA ASP B 377 -3.30 4.96 8.28
C ASP B 377 -3.60 6.41 8.68
N VAL B 378 -2.80 6.94 9.60
CA VAL B 378 -3.00 8.32 10.04
C VAL B 378 -2.79 9.29 8.91
N THR B 379 -1.89 8.98 7.98
CA THR B 379 -1.69 9.77 6.77
C THR B 379 -2.64 9.36 5.62
N PHE B 380 -3.73 8.61 5.88
CA PHE B 380 -4.80 8.41 4.90
C PHE B 380 -5.36 9.77 4.45
N THR B 381 -5.45 10.02 3.15
CA THR B 381 -5.99 11.29 2.67
C THR B 381 -7.14 11.04 1.68
N TYR B 382 -7.99 12.05 1.54
CA TYR B 382 -9.25 11.89 0.81
C TYR B 382 -9.69 13.26 0.32
N SER B 383 -10.53 13.27 -0.70
CA SER B 383 -11.15 14.48 -1.20
C SER B 383 -10.12 15.43 -1.83
N HIS B 384 -9.19 14.87 -2.64
CA HIS B 384 -8.12 15.67 -3.21
C HIS B 384 -8.71 16.74 -4.10
N PHE B 385 -8.09 17.91 -4.09
CA PHE B 385 -8.64 19.04 -4.81
C PHE B 385 -7.46 19.85 -5.34
N ALA B 386 -7.50 20.13 -6.64
CA ALA B 386 -6.42 20.82 -7.33
C ALA B 386 -6.69 22.31 -7.30
N VAL B 387 -5.75 23.08 -6.75
CA VAL B 387 -5.89 24.53 -6.61
C VAL B 387 -4.98 25.18 -7.65
N PRO B 388 -5.54 25.81 -8.68
CA PRO B 388 -4.73 26.41 -9.72
C PRO B 388 -3.99 27.63 -9.19
N GLN B 389 -2.88 27.93 -9.85
CA GLN B 389 -1.93 28.90 -9.36
C GLN B 389 -1.81 30.02 -10.38
N ALA B 390 -1.49 31.23 -9.91
CA ALA B 390 -1.33 32.38 -10.80
C ALA B 390 -0.39 32.07 -11.96
N LYS B 391 0.78 31.54 -11.66
CA LYS B 391 1.83 31.35 -12.65
C LYS B 391 2.31 29.92 -12.63
N GLY B 392 2.90 29.49 -13.74
CA GLY B 392 3.61 28.23 -13.74
C GLY B 392 2.75 27.05 -14.14
N ASN B 393 3.38 25.88 -14.24
CA ASN B 393 2.74 24.65 -14.69
C ASN B 393 2.30 23.74 -13.53
N ASN B 394 2.40 24.20 -12.30
CA ASN B 394 2.07 23.38 -11.14
C ASN B 394 0.80 23.84 -10.46
N VAL B 395 0.02 22.88 -9.95
CA VAL B 395 -1.09 23.18 -9.08
C VAL B 395 -0.80 22.55 -7.74
N VAL B 396 -1.55 23.02 -6.75
CA VAL B 396 -1.45 22.56 -5.37
C VAL B 396 -2.61 21.62 -5.11
N ILE B 397 -2.31 20.47 -4.53
CA ILE B 397 -3.33 19.49 -4.20
C ILE B 397 -3.56 19.59 -2.71
N THR B 398 -4.79 19.95 -2.33
CA THR B 398 -5.22 19.82 -0.95
C THR B 398 -6.06 18.57 -0.79
N SER B 399 -6.19 18.11 0.45
CA SER B 399 -7.00 16.97 0.85
C SER B 399 -7.15 17.03 2.37
N TYR B 400 -8.09 16.26 2.90
CA TYR B 400 -8.07 16.07 4.33
C TYR B 400 -7.38 14.76 4.64
N MET B 401 -6.86 14.68 5.86
CA MET B 401 -6.04 13.57 6.30
C MET B 401 -6.66 12.94 7.53
N THR B 402 -6.52 11.62 7.63
CA THR B 402 -7.03 10.80 8.72
C THR B 402 -8.53 10.69 8.56
N ASN B 403 -9.01 9.48 8.37
CA ASN B 403 -10.44 9.24 8.28
C ASN B 403 -11.22 9.78 9.48
N ARG B 404 -12.35 10.40 9.18
CA ARG B 404 -13.21 11.06 10.15
C ARG B 404 -13.66 10.21 11.32
N GLY B 405 -13.22 10.53 12.53
CA GLY B 405 -13.72 9.82 13.69
C GLY B 405 -13.05 8.51 13.94
N PHE B 406 -11.85 8.29 13.38
CA PHE B 406 -11.16 7.02 13.57
C PHE B 406 -10.38 6.99 14.87
N TYR B 407 -9.70 8.07 15.20
CA TYR B 407 -8.86 8.10 16.39
C TYR B 407 -9.37 9.11 17.41
N ALA B 408 -9.06 8.79 18.67
CA ALA B 408 -9.49 9.62 19.79
C ALA B 408 -8.80 10.98 19.75
N ASP B 409 -7.48 10.98 19.57
CA ASP B 409 -6.72 12.22 19.63
C ASP B 409 -6.39 12.78 18.27
N LYS B 410 -6.72 12.08 17.19
CA LYS B 410 -6.29 12.49 15.86
C LYS B 410 -7.53 12.67 14.98
N GLN B 411 -8.04 13.91 14.97
CA GLN B 411 -9.18 14.23 14.13
C GLN B 411 -8.76 14.34 12.68
N SER B 412 -9.75 14.41 11.80
N SER B 412 -9.75 14.41 11.81
CA SER B 412 -9.48 14.83 10.44
CA SER B 412 -9.50 14.83 10.44
C SER B 412 -8.99 16.28 10.45
C SER B 412 -9.01 16.28 10.44
N THR B 413 -7.95 16.54 9.69
CA THR B 413 -7.28 17.82 9.64
C THR B 413 -6.93 18.11 8.19
N PHE B 414 -6.32 19.25 7.95
CA PHE B 414 -5.78 19.50 6.64
C PHE B 414 -4.58 18.58 6.40
N ALA B 415 -4.58 17.85 5.28
CA ALA B 415 -3.39 17.10 4.92
C ALA B 415 -2.31 18.06 4.52
N PRO B 416 -1.05 17.62 4.54
CA PRO B 416 -0.03 18.40 3.85
C PRO B 416 -0.38 18.48 2.36
N SER B 417 -0.35 19.70 1.80
CA SER B 417 -0.54 19.89 0.37
C SER B 417 0.69 19.45 -0.41
N PHE B 418 0.57 19.28 -1.75
CA PHE B 418 1.75 18.98 -2.56
C PHE B 418 1.55 19.55 -3.95
N LEU B 419 2.50 19.32 -4.85
CA LEU B 419 2.39 19.89 -6.18
C LEU B 419 2.17 18.82 -7.24
N LEU B 420 1.29 19.15 -8.16
CA LEU B 420 0.99 18.31 -9.30
C LEU B 420 1.36 19.17 -10.49
N ASN B 421 2.23 18.65 -11.33
CA ASN B 421 2.62 19.33 -12.56
C ASN B 421 1.66 19.00 -13.70
N ILE B 422 1.25 20.02 -14.47
CA ILE B 422 0.28 19.82 -15.54
C ILE B 422 0.83 20.45 -16.82
N LYS B 423 1.03 19.64 -17.86
CA LYS B 423 1.41 20.12 -19.18
C LYS B 423 0.67 19.37 -20.25
N GLY B 424 -0.08 20.11 -21.08
CA GLY B 424 -0.79 19.49 -22.18
C GLY B 424 -1.79 18.50 -21.62
N LYS B 425 -1.80 17.28 -22.16
CA LYS B 425 -2.70 16.23 -21.71
C LYS B 425 -2.04 15.29 -20.70
N LYS B 426 -1.01 15.76 -19.95
CA LYS B 426 -0.27 14.88 -19.03
C LYS B 426 -0.03 15.58 -17.70
N THR B 427 0.10 14.77 -16.64
CA THR B 427 0.33 15.29 -15.31
C THR B 427 1.39 14.45 -14.62
N SER B 428 2.05 15.05 -13.64
N SER B 428 2.04 15.07 -13.64
CA SER B 428 2.93 14.23 -12.81
CA SER B 428 2.97 14.32 -12.81
C SER B 428 3.05 14.88 -11.44
C SER B 428 3.00 14.92 -11.41
N VAL B 429 2.91 14.07 -10.40
CA VAL B 429 3.20 14.51 -9.04
C VAL B 429 4.65 14.99 -8.95
N VAL B 430 4.87 16.14 -8.27
CA VAL B 430 6.21 16.66 -8.12
C VAL B 430 6.85 15.99 -6.92
N LYS B 431 8.04 15.40 -7.14
CA LYS B 431 8.76 14.75 -6.05
C LYS B 431 9.23 15.78 -5.04
N ASP B 432 9.20 15.42 -3.76
CA ASP B 432 9.66 16.29 -2.69
C ASP B 432 9.02 17.67 -2.83
N SER B 433 7.69 17.67 -2.94
CA SER B 433 6.94 18.92 -3.06
C SER B 433 5.94 19.04 -1.93
N ILE B 434 6.20 18.36 -0.81
CA ILE B 434 5.25 18.35 0.28
C ILE B 434 5.29 19.71 0.96
N LEU B 435 4.10 20.28 1.16
CA LEU B 435 3.93 21.62 1.66
C LEU B 435 3.43 21.52 3.08
N GLU B 436 3.06 22.67 3.66
CA GLU B 436 2.42 22.68 4.96
C GLU B 436 0.99 22.16 4.85
N GLN B 437 0.48 21.71 6.00
CA GLN B 437 -0.89 21.26 6.13
C GLN B 437 -1.86 22.38 5.78
N GLY B 438 -2.72 22.12 4.79
CA GLY B 438 -3.69 23.10 4.41
C GLY B 438 -3.16 24.21 3.56
N GLN B 439 -1.92 24.10 3.09
CA GLN B 439 -1.35 25.21 2.34
C GLN B 439 -2.06 25.29 1.00
N LEU B 440 -2.29 26.52 0.52
CA LEU B 440 -3.10 26.76 -0.67
C LEU B 440 -2.33 27.23 -1.87
N THR B 441 -1.22 27.96 -1.67
CA THR B 441 -0.46 28.59 -2.73
C THR B 441 1.03 28.34 -2.52
N VAL B 442 1.78 28.45 -3.61
CA VAL B 442 3.22 28.44 -3.45
C VAL B 442 3.77 29.85 -3.59
#